data_8IQQ
#
_entry.id   8IQQ
#
_cell.length_a   109.990
_cell.length_b   70.250
_cell.length_c   103.580
_cell.angle_alpha   90.00
_cell.angle_beta   110.94
_cell.angle_gamma   90.00
#
_symmetry.space_group_name_H-M   'C 1 2 1'
#
loop_
_entity.id
_entity.type
_entity.pdbx_description
1 polymer 'M9 VL-SARAH'
2 polymer 'M9 VH-SARAH'
3 non-polymer 'DODECAETHYLENE GLYCOL'
4 water water
#
loop_
_entity_poly.entity_id
_entity_poly.type
_entity_poly.pdbx_seq_one_letter_code
_entity_poly.pdbx_strand_id
1 'polypeptide(L)'
;MSKIKGHHHHHHGGMDVLMTQTPLSLPVSLGDQASISCRSSQSIVHSNGNTYLEWYLQKPGQSPKLLIYKVSNRFSGVPD
RFSGSGSGTDFTLKISRVEAEDLGVYYCFQGSHVPWTFGGGTKLEIKRGSDYEFLKSWTVEDLQKRLLALDPMMEQEIEE
IRQKYQCKRQPILDAIEAK
;
L,l
2 'polypeptide(L)'
;MSKIKGHHHHHHGGMEVQLVESGGGLVKPGGSLKLSCAASGFTFSSYAMSWVRQTPEKRLEWVATISSGGSYTYYPDSVK
GRFTISRDNAKNTLYLQMSSLRSEDTAMYYCASAYDGSYYFDYWGQGTTVTVCSGSDYEFLKSWTVEDLQKRLLALDPMM
EQEIEEIRQKYQSKRQPILDAIEAK
;
H,h
#
# COMPACT_ATOMS: atom_id res chain seq x y z
N MET A 15 -6.27 1.28 -28.61
CA MET A 15 -5.12 0.40 -28.48
C MET A 15 -3.85 1.18 -28.14
N ASP A 16 -2.97 0.56 -27.37
CA ASP A 16 -1.71 1.19 -27.01
C ASP A 16 -0.83 1.36 -28.23
N VAL A 17 0.00 2.39 -28.20
CA VAL A 17 0.96 2.64 -29.27
C VAL A 17 2.17 1.74 -29.07
N LEU A 18 2.56 1.03 -30.12
CA LEU A 18 3.76 0.19 -30.10
C LEU A 18 4.91 0.94 -30.75
N MET A 19 6.05 0.97 -30.07
CA MET A 19 7.25 1.62 -30.55
C MET A 19 8.25 0.54 -30.92
N THR A 20 8.63 0.48 -32.20
CA THR A 20 9.54 -0.54 -32.70
C THR A 20 10.80 0.12 -33.25
N GLN A 21 11.96 -0.31 -32.76
CA GLN A 21 13.24 0.27 -33.16
C GLN A 21 14.00 -0.70 -34.05
N THR A 22 14.85 -0.13 -34.91
CA THR A 22 15.62 -0.87 -35.89
C THR A 22 16.92 -0.13 -36.15
N PRO A 23 18.07 -0.82 -36.14
CA PRO A 23 18.24 -2.26 -35.91
C PRO A 23 18.32 -2.58 -34.42
N LEU A 24 18.37 -3.87 -34.06
CA LEU A 24 18.55 -4.24 -32.66
C LEU A 24 19.95 -3.83 -32.17
N SER A 25 20.95 -3.97 -33.03
CA SER A 25 22.32 -3.58 -32.71
C SER A 25 22.94 -2.94 -33.95
N LEU A 26 23.79 -1.94 -33.70
CA LEU A 26 24.46 -1.20 -34.78
C LEU A 26 25.95 -1.15 -34.51
N PRO A 27 26.74 -2.03 -35.10
CA PRO A 27 28.20 -1.97 -34.91
C PRO A 27 28.81 -0.87 -35.76
N VAL A 28 29.64 -0.03 -35.12
CA VAL A 28 30.30 1.07 -35.80
C VAL A 28 31.74 1.18 -35.30
N SER A 29 32.56 1.86 -36.09
CA SER A 29 33.86 2.33 -35.63
C SER A 29 33.76 3.81 -35.29
N LEU A 30 34.70 4.28 -34.48
CA LEU A 30 34.72 5.70 -34.12
C LEU A 30 34.92 6.54 -35.37
N GLY A 31 34.07 7.56 -35.53
CA GLY A 31 34.09 8.40 -36.71
C GLY A 31 33.04 8.07 -37.75
N ASP A 32 32.43 6.89 -37.66
CA ASP A 32 31.42 6.50 -38.65
C ASP A 32 30.12 7.27 -38.43
N GLN A 33 29.31 7.31 -39.48
CA GLN A 33 27.95 7.79 -39.36
C GLN A 33 27.05 6.68 -38.81
N ALA A 34 26.04 7.07 -38.05
CA ALA A 34 25.12 6.12 -37.46
C ALA A 34 23.69 6.63 -37.64
N SER A 35 22.80 5.72 -38.02
CA SER A 35 21.39 6.05 -38.23
C SER A 35 20.54 4.93 -37.65
N ILE A 36 19.58 5.28 -36.80
CA ILE A 36 18.68 4.31 -36.19
C ILE A 36 17.25 4.79 -36.34
N SER A 37 16.34 3.85 -36.51
CA SER A 37 14.95 4.14 -36.83
C SER A 37 14.04 3.76 -35.68
N CYS A 38 12.91 4.47 -35.59
CA CYS A 38 11.88 4.20 -34.60
C CYS A 38 10.52 4.33 -35.28
N ARG A 39 9.73 3.26 -35.25
CA ARG A 39 8.42 3.25 -35.88
C ARG A 39 7.33 3.09 -34.84
N SER A 40 6.28 3.89 -34.97
CA SER A 40 5.11 3.80 -34.11
C SER A 40 4.00 3.02 -34.82
N SER A 41 3.23 2.27 -34.03
CA SER A 41 2.12 1.50 -34.58
C SER A 41 0.98 2.38 -35.07
N GLN A 42 0.96 3.66 -34.71
CA GLN A 42 -0.03 4.61 -35.19
C GLN A 42 0.57 6.00 -35.08
N SER A 43 -0.19 7.00 -35.54
CA SER A 43 0.27 8.38 -35.43
C SER A 43 0.41 8.77 -33.95
N ILE A 44 1.39 9.63 -33.68
CA ILE A 44 1.65 10.07 -32.31
C ILE A 44 1.66 11.60 -32.26
N VAL A 45 0.58 12.21 -32.75
CA VAL A 45 0.40 13.64 -32.64
C VAL A 45 -0.45 13.92 -31.40
N HIS A 46 0.14 14.64 -30.44
CA HIS A 46 -0.57 14.98 -29.21
C HIS A 46 -1.80 15.83 -29.52
N SER A 47 -2.75 15.83 -28.58
CA SER A 47 -3.98 16.59 -28.75
C SER A 47 -3.69 18.07 -28.96
N ASN A 48 -2.59 18.59 -28.41
CA ASN A 48 -2.23 19.98 -28.59
C ASN A 48 -1.46 20.24 -29.89
N GLY A 49 -1.31 19.22 -30.74
CA GLY A 49 -0.65 19.38 -32.02
C GLY A 49 0.81 19.03 -32.05
N ASN A 50 1.48 18.99 -30.90
CA ASN A 50 2.88 18.64 -30.86
C ASN A 50 3.05 17.12 -30.98
N THR A 51 4.25 16.71 -31.40
CA THR A 51 4.61 15.30 -31.49
C THR A 51 5.70 15.04 -30.44
N TYR A 52 5.31 14.41 -29.33
CA TYR A 52 6.23 14.20 -28.22
C TYR A 52 6.98 12.88 -28.40
N LEU A 53 7.85 12.87 -29.41
CA LEU A 53 8.79 11.78 -29.63
C LEU A 53 10.15 12.18 -29.10
N GLU A 54 10.73 11.34 -28.26
CA GLU A 54 11.98 11.64 -27.58
C GLU A 54 12.96 10.49 -27.72
N TRP A 55 14.24 10.83 -27.75
CA TRP A 55 15.32 9.86 -27.84
C TRP A 55 16.15 9.92 -26.56
N TYR A 56 16.40 8.76 -25.96
CA TYR A 56 17.19 8.67 -24.74
C TYR A 56 18.39 7.76 -24.98
N LEU A 57 19.49 8.04 -24.28
CA LEU A 57 20.70 7.24 -24.34
C LEU A 57 21.03 6.75 -22.94
N GLN A 58 21.30 5.45 -22.82
CA GLN A 58 21.61 4.84 -21.53
C GLN A 58 22.94 4.09 -21.62
N LYS A 59 23.83 4.36 -20.67
CA LYS A 59 25.07 3.64 -20.45
C LYS A 59 24.86 2.54 -19.42
N PRO A 60 25.63 1.45 -19.50
CA PRO A 60 25.37 0.31 -18.60
C PRO A 60 25.57 0.68 -17.14
N GLY A 61 24.64 0.22 -16.31
CA GLY A 61 24.63 0.54 -14.89
C GLY A 61 24.20 1.95 -14.54
N GLN A 62 23.83 2.76 -15.53
CA GLN A 62 23.46 4.15 -15.31
C GLN A 62 22.09 4.41 -15.92
N SER A 63 21.44 5.46 -15.44
CA SER A 63 20.09 5.79 -15.88
C SER A 63 20.11 6.47 -17.24
N PRO A 64 19.01 6.39 -17.99
CA PRO A 64 18.97 7.04 -19.30
C PRO A 64 19.07 8.56 -19.19
N LYS A 65 19.46 9.17 -20.30
CA LYS A 65 19.60 10.62 -20.39
C LYS A 65 18.94 11.11 -21.68
N LEU A 66 18.27 12.26 -21.59
CA LEU A 66 17.51 12.80 -22.71
C LEU A 66 18.46 13.41 -23.73
N LEU A 67 18.29 13.03 -25.00
CA LEU A 67 19.06 13.57 -26.11
C LEU A 67 18.25 14.47 -27.02
N ILE A 68 17.10 13.99 -27.48
CA ILE A 68 16.25 14.71 -28.42
C ILE A 68 14.82 14.70 -27.90
N TYR A 69 14.14 15.85 -28.00
CA TYR A 69 12.74 15.94 -27.63
C TYR A 69 11.97 16.61 -28.76
N LYS A 70 10.68 16.31 -28.82
CA LYS A 70 9.78 16.77 -29.88
C LYS A 70 10.41 16.56 -31.26
N VAL A 71 10.75 15.30 -31.51
CA VAL A 71 11.23 14.81 -32.80
C VAL A 71 12.64 15.30 -33.11
N SER A 72 12.86 16.62 -33.06
CA SER A 72 14.08 17.20 -33.62
C SER A 72 14.81 18.18 -32.70
N ASN A 73 14.26 18.54 -31.56
CA ASN A 73 14.90 19.54 -30.70
C ASN A 73 16.00 18.89 -29.87
N ARG A 74 17.21 19.39 -29.99
CA ARG A 74 18.34 18.87 -29.23
C ARG A 74 18.28 19.36 -27.78
N PHE A 75 18.33 18.41 -26.85
CA PHE A 75 18.34 18.78 -25.43
C PHE A 75 19.59 19.57 -25.10
N SER A 76 19.48 20.41 -24.07
CA SER A 76 20.58 21.29 -23.70
C SER A 76 21.81 20.47 -23.32
N GLY A 77 22.93 20.76 -23.99
CA GLY A 77 24.17 20.05 -23.78
C GLY A 77 24.46 18.96 -24.80
N VAL A 78 23.48 18.58 -25.60
CA VAL A 78 23.68 17.52 -26.60
C VAL A 78 24.47 18.10 -27.78
N PRO A 79 25.57 17.46 -28.17
CA PRO A 79 26.40 18.02 -29.25
C PRO A 79 25.66 18.06 -30.58
N ASP A 80 26.20 18.91 -31.48
CA ASP A 80 25.56 19.14 -32.77
C ASP A 80 25.52 17.88 -33.65
N ARG A 81 26.41 16.92 -33.40
CA ARG A 81 26.46 15.73 -34.25
C ARG A 81 25.20 14.88 -34.14
N PHE A 82 24.41 15.07 -33.09
CA PHE A 82 23.13 14.38 -32.94
C PHE A 82 22.03 15.16 -33.64
N SER A 83 21.11 14.45 -34.28
CA SER A 83 19.98 15.08 -34.94
C SER A 83 18.85 14.07 -35.08
N GLY A 84 17.62 14.54 -34.87
CA GLY A 84 16.45 13.71 -35.01
C GLY A 84 15.49 14.29 -36.04
N SER A 85 14.73 13.41 -36.69
CA SER A 85 13.80 13.82 -37.73
C SER A 85 12.71 12.77 -37.86
N GLY A 86 11.74 13.06 -38.71
CA GLY A 86 10.66 12.14 -39.02
C GLY A 86 9.29 12.74 -38.78
N SER A 87 8.29 11.97 -39.19
CA SER A 87 6.89 12.36 -39.04
C SER A 87 6.04 11.11 -39.27
N GLY A 88 4.74 11.25 -39.04
CA GLY A 88 3.82 10.13 -39.19
C GLY A 88 4.14 8.98 -38.26
N THR A 89 4.66 7.88 -38.82
CA THR A 89 5.05 6.72 -38.03
C THR A 89 6.53 6.37 -38.19
N ASP A 90 7.31 7.22 -38.85
CA ASP A 90 8.71 6.94 -39.12
C ASP A 90 9.56 8.06 -38.53
N PHE A 91 10.52 7.69 -37.68
CA PHE A 91 11.39 8.65 -37.01
C PHE A 91 12.81 8.10 -37.01
N THR A 92 13.78 9.02 -37.12
CA THR A 92 15.18 8.65 -37.26
C THR A 92 16.05 9.52 -36.37
N LEU A 93 17.04 8.90 -35.73
CA LEU A 93 18.09 9.60 -35.02
C LEU A 93 19.42 9.32 -35.71
N LYS A 94 20.19 10.37 -35.98
CA LYS A 94 21.44 10.24 -36.71
C LYS A 94 22.59 10.86 -35.93
N ILE A 95 23.74 10.20 -35.99
CA ILE A 95 24.99 10.71 -35.42
C ILE A 95 25.96 10.90 -36.57
N SER A 96 26.39 12.13 -36.79
CA SER A 96 27.22 12.44 -37.96
C SER A 96 28.60 11.79 -37.85
N ARG A 97 29.18 11.78 -36.66
CA ARG A 97 30.51 11.21 -36.45
C ARG A 97 30.55 10.62 -35.05
N VAL A 98 30.45 9.29 -34.96
CA VAL A 98 30.30 8.62 -33.67
C VAL A 98 31.59 8.77 -32.86
N GLU A 99 31.45 9.25 -31.63
CA GLU A 99 32.53 9.27 -30.66
C GLU A 99 32.28 8.22 -29.58
N ALA A 100 33.34 7.94 -28.80
CA ALA A 100 33.26 6.87 -27.82
C ALA A 100 32.18 7.12 -26.77
N GLU A 101 31.90 8.39 -26.46
CA GLU A 101 30.88 8.72 -25.47
C GLU A 101 29.47 8.47 -25.99
N ASP A 102 29.29 8.18 -27.27
CA ASP A 102 27.97 7.94 -27.83
C ASP A 102 27.55 6.48 -27.79
N LEU A 103 28.46 5.57 -27.42
CA LEU A 103 28.12 4.15 -27.41
C LEU A 103 27.19 3.84 -26.24
N GLY A 104 26.20 3.01 -26.51
CA GLY A 104 25.20 2.68 -25.51
C GLY A 104 23.92 2.24 -26.19
N VAL A 105 22.85 2.20 -25.39
CA VAL A 105 21.53 1.77 -25.86
C VAL A 105 20.65 3.01 -26.04
N TYR A 106 20.10 3.16 -27.23
CA TYR A 106 19.23 4.29 -27.55
C TYR A 106 17.78 3.83 -27.53
N TYR A 107 16.94 4.61 -26.85
CA TYR A 107 15.51 4.34 -26.76
C TYR A 107 14.73 5.52 -27.32
N CYS A 108 13.76 5.23 -28.18
CA CYS A 108 12.77 6.24 -28.53
C CYS A 108 11.55 6.09 -27.62
N PHE A 109 10.78 7.17 -27.52
CA PHE A 109 9.68 7.22 -26.57
C PHE A 109 8.62 8.18 -27.09
N GLN A 110 7.36 7.77 -26.98
CA GLN A 110 6.24 8.60 -27.38
C GLN A 110 5.47 9.05 -26.14
N GLY A 111 5.18 10.35 -26.07
CA GLY A 111 4.41 10.89 -24.96
C GLY A 111 3.16 11.59 -25.46
N SER A 112 2.64 11.14 -26.60
CA SER A 112 1.48 11.77 -27.21
C SER A 112 0.16 11.12 -26.80
N HIS A 113 0.15 9.79 -26.65
CA HIS A 113 -1.07 9.07 -26.29
C HIS A 113 -0.80 8.17 -25.11
N VAL A 114 -1.64 8.26 -24.09
CA VAL A 114 -1.52 7.35 -22.94
C VAL A 114 -1.98 5.96 -23.36
N PRO A 115 -1.30 4.89 -22.91
CA PRO A 115 -0.10 4.89 -22.08
C PRO A 115 1.15 5.27 -22.88
N TRP A 116 1.99 6.13 -22.33
CA TRP A 116 3.23 6.48 -23.00
C TRP A 116 4.19 5.30 -22.98
N THR A 117 4.87 5.08 -24.10
CA THR A 117 5.59 3.82 -24.31
C THR A 117 6.96 4.07 -24.90
N PHE A 118 7.89 3.18 -24.56
CA PHE A 118 9.26 3.21 -25.05
C PHE A 118 9.46 2.20 -26.17
N GLY A 119 10.46 2.48 -27.01
CA GLY A 119 10.92 1.48 -27.95
C GLY A 119 11.77 0.42 -27.27
N GLY A 120 12.04 -0.65 -28.01
CA GLY A 120 12.80 -1.77 -27.47
C GLY A 120 14.28 -1.52 -27.29
N GLY A 121 14.82 -0.48 -27.91
CA GLY A 121 16.22 -0.14 -27.73
C GLY A 121 17.09 -0.58 -28.88
N THR A 122 18.12 0.21 -29.17
CA THR A 122 19.10 -0.10 -30.19
C THR A 122 20.49 0.11 -29.59
N LYS A 123 21.30 -0.95 -29.60
CA LYS A 123 22.63 -0.91 -29.01
C LYS A 123 23.63 -0.44 -30.05
N LEU A 124 24.19 0.76 -29.83
CA LEU A 124 25.29 1.27 -30.66
C LEU A 124 26.59 0.81 -30.01
N GLU A 125 27.27 -0.13 -30.68
CA GLU A 125 28.47 -0.75 -30.12
C GLU A 125 29.62 -0.64 -31.12
N ILE A 126 30.82 -0.85 -30.60
CA ILE A 126 32.05 -0.70 -31.38
C ILE A 126 32.31 -1.97 -32.18
N LYS A 127 32.92 -1.79 -33.35
CA LYS A 127 33.45 -2.91 -34.14
C LYS A 127 34.75 -3.35 -33.48
N ARG A 128 34.69 -4.45 -32.72
CA ARG A 128 35.82 -4.88 -31.92
C ARG A 128 36.70 -5.92 -32.58
N GLY A 129 36.23 -6.56 -33.66
CA GLY A 129 37.03 -7.57 -34.32
C GLY A 129 37.05 -8.88 -33.56
N SER A 130 38.00 -9.73 -33.95
CA SER A 130 38.19 -11.03 -33.31
C SER A 130 39.21 -10.99 -32.19
N ASP A 131 39.87 -9.86 -31.96
CA ASP A 131 40.76 -9.69 -30.83
C ASP A 131 40.58 -8.30 -30.22
N TYR A 132 41.62 -7.78 -29.58
CA TYR A 132 41.56 -6.49 -28.89
C TYR A 132 42.41 -5.44 -29.60
N GLU A 133 42.59 -5.57 -30.91
CA GLU A 133 43.38 -4.60 -31.66
C GLU A 133 42.63 -3.29 -31.91
N PHE A 134 41.30 -3.30 -31.79
CA PHE A 134 40.54 -2.06 -31.97
C PHE A 134 40.83 -1.07 -30.85
N LEU A 135 41.14 -1.58 -29.65
CA LEU A 135 41.45 -0.69 -28.53
C LEU A 135 42.73 0.12 -28.76
N LYS A 136 43.56 -0.28 -29.72
CA LYS A 136 44.83 0.40 -29.92
C LYS A 136 44.71 1.69 -30.71
N SER A 137 43.62 1.86 -31.45
CA SER A 137 43.35 3.13 -32.12
C SER A 137 42.72 4.15 -31.20
N TRP A 138 42.39 3.77 -29.97
CA TRP A 138 41.69 4.64 -29.03
C TRP A 138 42.67 5.49 -28.24
N THR A 139 42.25 6.70 -27.92
CA THR A 139 43.03 7.55 -27.03
C THR A 139 42.94 7.02 -25.60
N VAL A 140 43.92 7.43 -24.78
CA VAL A 140 43.93 6.99 -23.38
C VAL A 140 42.69 7.49 -22.66
N GLU A 141 42.23 8.70 -23.01
CA GLU A 141 41.02 9.24 -22.39
C GLU A 141 39.81 8.35 -22.68
N ASP A 142 39.65 7.93 -23.94
CA ASP A 142 38.54 7.06 -24.29
C ASP A 142 38.69 5.68 -23.66
N LEU A 143 39.92 5.16 -23.60
CA LEU A 143 40.15 3.88 -22.95
C LEU A 143 39.80 3.95 -21.46
N GLN A 144 40.15 5.07 -20.81
CA GLN A 144 39.83 5.22 -19.40
C GLN A 144 38.33 5.30 -19.17
N LYS A 145 37.61 6.01 -20.04
CA LYS A 145 36.16 6.10 -19.90
C LYS A 145 35.51 4.73 -20.08
N ARG A 146 36.05 3.92 -21.00
CA ARG A 146 35.54 2.56 -21.17
C ARG A 146 35.79 1.71 -19.92
N LEU A 147 36.97 1.86 -19.31
CA LEU A 147 37.28 1.14 -18.09
C LEU A 147 36.35 1.55 -16.95
N LEU A 148 36.11 2.85 -16.80
CA LEU A 148 35.32 3.33 -15.68
C LEU A 148 33.84 3.01 -15.85
N ALA A 149 33.38 2.85 -17.10
CA ALA A 149 31.99 2.49 -17.35
C ALA A 149 31.65 1.08 -16.89
N LEU A 150 32.65 0.27 -16.52
CA LEU A 150 32.40 -1.08 -16.05
C LEU A 150 31.96 -1.11 -14.60
N ASP A 151 32.38 -0.14 -13.80
CA ASP A 151 32.07 -0.16 -12.37
C ASP A 151 30.58 -0.09 -12.06
N PRO A 152 29.78 0.78 -12.68
CA PRO A 152 28.34 0.72 -12.41
C PRO A 152 27.70 -0.59 -12.84
N MET A 153 28.16 -1.16 -13.95
CA MET A 153 27.63 -2.45 -14.38
CA MET A 153 27.66 -2.46 -14.40
C MET A 153 27.97 -3.55 -13.39
N MET A 154 29.18 -3.52 -12.81
CA MET A 154 29.55 -4.52 -11.81
C MET A 154 28.70 -4.37 -10.55
N GLU A 155 28.56 -3.13 -10.07
CA GLU A 155 27.82 -2.89 -8.84
C GLU A 155 26.36 -3.31 -8.98
N GLN A 156 25.80 -3.14 -10.18
CA GLN A 156 24.42 -3.56 -10.42
C GLN A 156 24.30 -5.08 -10.36
N GLU A 157 25.24 -5.80 -10.99
CA GLU A 157 25.20 -7.25 -10.97
C GLU A 157 25.39 -7.79 -9.56
N ILE A 158 26.24 -7.15 -8.76
CA ILE A 158 26.45 -7.59 -7.39
C ILE A 158 25.19 -7.38 -6.56
N GLU A 159 24.52 -6.23 -6.73
CA GLU A 159 23.27 -5.99 -6.03
C GLU A 159 22.19 -6.97 -6.47
N GLU A 160 22.17 -7.34 -7.75
CA GLU A 160 21.19 -8.31 -8.23
C GLU A 160 21.37 -9.65 -7.55
N ILE A 161 22.61 -10.06 -7.30
CA ILE A 161 22.86 -11.31 -6.58
C ILE A 161 22.42 -11.19 -5.13
N ARG A 162 22.65 -10.01 -4.52
CA ARG A 162 22.18 -9.78 -3.15
C ARG A 162 20.67 -9.89 -3.06
N GLN A 163 19.95 -9.33 -4.05
CA GLN A 163 18.50 -9.44 -4.06
C GLN A 163 18.05 -10.88 -4.23
N LYS A 164 18.74 -11.63 -5.08
CA LYS A 164 18.38 -13.03 -5.32
C LYS A 164 18.49 -13.84 -4.04
N TYR A 165 19.54 -13.60 -3.25
CA TYR A 165 19.75 -14.40 -2.04
C TYR A 165 18.85 -13.95 -0.90
N GLN A 166 18.43 -12.68 -0.89
CA GLN A 166 17.38 -12.26 0.04
C GLN A 166 16.08 -12.99 -0.26
N CYS A 167 15.77 -13.16 -1.55
CA CYS A 167 14.57 -13.90 -1.94
C CYS A 167 14.70 -15.38 -1.60
N LYS A 168 15.92 -15.92 -1.64
CA LYS A 168 16.11 -17.33 -1.33
C LYS A 168 15.96 -17.60 0.16
N ARG A 169 16.45 -16.69 1.00
CA ARG A 169 16.43 -16.89 2.44
C ARG A 169 15.14 -16.42 3.10
N GLN A 170 14.23 -15.79 2.35
CA GLN A 170 12.97 -15.35 2.95
C GLN A 170 12.04 -16.50 3.27
N PRO A 171 11.81 -17.47 2.38
CA PRO A 171 10.94 -18.60 2.76
C PRO A 171 11.48 -19.38 3.94
N ILE A 172 12.80 -19.50 4.08
CA ILE A 172 13.38 -20.17 5.24
C ILE A 172 13.06 -19.39 6.50
N LEU A 173 13.18 -18.06 6.45
CA LEU A 173 12.88 -17.24 7.63
C LEU A 173 11.41 -17.33 8.01
N ASP A 174 10.52 -17.35 7.01
CA ASP A 174 9.10 -17.50 7.29
C ASP A 174 8.81 -18.88 7.89
N ALA A 175 9.50 -19.91 7.40
CA ALA A 175 9.30 -21.25 7.95
C ALA A 175 9.78 -21.33 9.39
N ILE A 176 10.93 -20.75 9.69
CA ILE A 176 11.45 -20.76 11.06
C ILE A 176 10.51 -19.97 11.98
N GLU A 177 9.99 -18.84 11.49
CA GLU A 177 9.11 -18.02 12.30
C GLU A 177 7.76 -18.69 12.55
N ALA A 178 7.32 -19.55 11.64
CA ALA A 178 6.02 -20.22 11.78
C ALA A 178 6.05 -21.40 12.75
N LYS A 179 7.23 -21.80 13.22
CA LYS A 179 7.33 -22.92 14.14
C LYS A 179 7.44 -22.43 15.58
N MET B 15 21.72 24.60 -7.89
CA MET B 15 22.39 24.51 -9.18
C MET B 15 22.98 23.13 -9.40
N GLU B 16 22.96 22.31 -8.35
CA GLU B 16 23.47 20.94 -8.38
C GLU B 16 22.28 20.00 -8.26
N VAL B 17 21.72 19.62 -9.41
CA VAL B 17 20.52 18.80 -9.43
C VAL B 17 20.86 17.38 -8.98
N GLN B 18 19.97 16.80 -8.17
CA GLN B 18 20.20 15.46 -7.63
C GLN B 18 18.86 14.85 -7.26
N LEU B 19 18.62 13.63 -7.75
CA LEU B 19 17.43 12.86 -7.42
C LEU B 19 17.88 11.52 -6.85
N VAL B 20 17.50 11.24 -5.60
CA VAL B 20 17.95 10.05 -4.89
C VAL B 20 16.73 9.21 -4.53
N GLU B 21 16.60 8.06 -5.17
CA GLU B 21 15.53 7.12 -4.86
C GLU B 21 15.92 6.23 -3.69
N SER B 22 14.91 5.77 -2.94
CA SER B 22 15.12 4.87 -1.84
C SER B 22 13.81 4.13 -1.57
N GLY B 23 13.90 3.08 -0.75
CA GLY B 23 12.75 2.31 -0.35
C GLY B 23 12.57 0.99 -1.06
N GLY B 24 13.41 0.67 -2.04
CA GLY B 24 13.31 -0.59 -2.74
C GLY B 24 13.75 -1.76 -1.89
N GLY B 25 13.63 -2.94 -2.45
CA GLY B 25 14.03 -4.16 -1.79
C GLY B 25 13.18 -5.33 -2.23
N LEU B 26 13.18 -6.36 -1.39
CA LEU B 26 12.44 -7.58 -1.68
C LEU B 26 11.01 -7.48 -1.16
N VAL B 27 10.12 -8.23 -1.80
CA VAL B 27 8.71 -8.28 -1.41
C VAL B 27 8.10 -9.55 -1.99
N LYS B 28 7.07 -10.04 -1.35
CA LYS B 28 6.35 -11.21 -1.86
C LYS B 28 5.23 -10.76 -2.79
N PRO B 29 4.80 -11.65 -3.70
CA PRO B 29 3.63 -11.33 -4.52
C PRO B 29 2.43 -11.01 -3.65
N GLY B 30 1.71 -9.95 -4.02
CA GLY B 30 0.66 -9.40 -3.18
C GLY B 30 1.16 -8.48 -2.10
N GLY B 31 2.47 -8.32 -1.92
CA GLY B 31 3.02 -7.46 -0.92
C GLY B 31 3.01 -6.00 -1.35
N SER B 32 3.68 -5.17 -0.55
CA SER B 32 3.66 -3.74 -0.79
C SER B 32 5.00 -3.11 -0.42
N LEU B 33 5.29 -1.99 -1.06
CA LEU B 33 6.50 -1.21 -0.83
C LEU B 33 6.19 0.25 -1.11
N LYS B 34 6.89 1.14 -0.42
CA LYS B 34 6.76 2.58 -0.65
C LYS B 34 8.11 3.14 -1.03
N LEU B 35 8.21 3.68 -2.24
CA LEU B 35 9.44 4.28 -2.74
C LEU B 35 9.43 5.78 -2.50
N SER B 36 10.62 6.31 -2.22
CA SER B 36 10.80 7.74 -1.98
C SER B 36 11.90 8.27 -2.89
N CYS B 37 11.76 9.52 -3.31
CA CYS B 37 12.73 10.19 -4.17
C CYS B 37 12.99 11.58 -3.61
N ALA B 38 14.19 11.80 -3.07
CA ALA B 38 14.57 13.08 -2.51
C ALA B 38 15.14 13.96 -3.63
N ALA B 39 14.54 15.15 -3.80
CA ALA B 39 14.96 16.08 -4.84
C ALA B 39 15.71 17.25 -4.21
N SER B 40 16.74 17.72 -4.91
CA SER B 40 17.52 18.87 -4.45
C SER B 40 18.22 19.49 -5.65
N GLY B 41 18.51 20.78 -5.54
CA GLY B 41 19.20 21.50 -6.58
C GLY B 41 18.29 22.20 -7.59
N PHE B 42 16.99 22.14 -7.41
CA PHE B 42 16.05 22.81 -8.32
C PHE B 42 14.72 22.97 -7.59
N THR B 43 13.86 23.82 -8.15
CA THR B 43 12.55 24.08 -7.56
C THR B 43 11.64 22.91 -7.90
N PHE B 44 11.63 21.93 -6.99
CA PHE B 44 10.88 20.69 -7.18
C PHE B 44 9.40 20.96 -7.46
N SER B 45 8.81 21.94 -6.77
CA SER B 45 7.38 22.19 -6.86
C SER B 45 6.96 22.83 -8.19
N SER B 46 7.89 23.13 -9.09
CA SER B 46 7.57 23.80 -10.34
C SER B 46 7.51 22.85 -11.53
N TYR B 47 7.68 21.55 -11.31
CA TYR B 47 7.80 20.61 -12.42
C TYR B 47 7.06 19.32 -12.12
N ALA B 48 6.44 18.76 -13.14
CA ALA B 48 5.87 17.43 -13.02
C ALA B 48 6.96 16.40 -12.76
N MET B 49 6.59 15.33 -12.08
CA MET B 49 7.51 14.26 -11.73
C MET B 49 6.94 12.93 -12.19
N SER B 50 7.82 11.96 -12.44
CA SER B 50 7.37 10.66 -12.93
C SER B 50 8.24 9.56 -12.32
N TRP B 51 7.68 8.35 -12.37
CA TRP B 51 8.42 7.12 -12.10
C TRP B 51 8.51 6.32 -13.39
N VAL B 52 9.70 5.85 -13.71
CA VAL B 52 9.94 4.98 -14.87
C VAL B 52 10.77 3.81 -14.40
N ARG B 53 10.39 2.60 -14.79
CA ARG B 53 11.09 1.40 -14.37
C ARG B 53 11.75 0.70 -15.55
N GLN B 54 12.81 -0.04 -15.25
CA GLN B 54 13.52 -0.85 -16.23
C GLN B 54 13.51 -2.30 -15.75
N THR B 55 12.87 -3.18 -16.53
CA THR B 55 12.73 -4.58 -16.17
C THR B 55 14.08 -5.29 -16.30
N PRO B 56 14.20 -6.51 -15.76
CA PRO B 56 15.45 -7.26 -15.93
C PRO B 56 15.84 -7.51 -17.38
N GLU B 57 14.89 -7.47 -18.32
CA GLU B 57 15.20 -7.59 -19.74
C GLU B 57 15.56 -6.25 -20.37
N LYS B 58 15.81 -5.23 -19.55
CA LYS B 58 16.21 -3.88 -19.97
C LYS B 58 15.11 -3.14 -20.71
N ARG B 59 13.86 -3.56 -20.56
CA ARG B 59 12.74 -2.84 -21.16
C ARG B 59 12.32 -1.69 -20.24
N LEU B 60 12.12 -0.52 -20.81
CA LEU B 60 11.70 0.67 -20.05
C LEU B 60 10.18 0.81 -20.13
N GLU B 61 9.56 1.04 -18.97
CA GLU B 61 8.11 1.21 -18.89
C GLU B 61 7.79 2.40 -17.99
N TRP B 62 7.00 3.34 -18.51
CA TRP B 62 6.52 4.45 -17.71
C TRP B 62 5.50 3.96 -16.69
N VAL B 63 5.67 4.39 -15.44
CA VAL B 63 4.92 3.85 -14.31
C VAL B 63 3.84 4.82 -13.83
N ALA B 64 4.20 6.09 -13.67
CA ALA B 64 3.26 7.08 -13.15
C ALA B 64 3.83 8.47 -13.36
N THR B 65 2.94 9.46 -13.40
CA THR B 65 3.31 10.86 -13.52
C THR B 65 2.36 11.70 -12.69
N ILE B 66 2.89 12.73 -12.04
CA ILE B 66 2.11 13.63 -11.20
C ILE B 66 2.43 15.07 -11.60
N SER B 67 1.41 15.91 -11.62
CA SER B 67 1.58 17.31 -11.98
C SER B 67 2.41 18.03 -10.91
N SER B 68 2.81 19.26 -11.24
CA SER B 68 3.70 20.02 -10.35
C SER B 68 3.06 20.23 -8.98
N GLY B 69 1.77 20.55 -8.95
CA GLY B 69 1.06 20.77 -7.71
C GLY B 69 0.34 19.56 -7.16
N GLY B 70 0.35 18.44 -7.87
CA GLY B 70 -0.21 17.20 -7.37
C GLY B 70 -1.68 16.97 -7.67
N SER B 71 -2.34 17.90 -8.37
CA SER B 71 -3.77 17.74 -8.62
C SER B 71 -4.08 16.73 -9.72
N TYR B 72 -3.13 16.44 -10.60
CA TYR B 72 -3.34 15.52 -11.71
C TYR B 72 -2.35 14.38 -11.63
N THR B 73 -2.84 13.16 -11.78
CA THR B 73 -2.00 11.96 -11.80
C THR B 73 -2.35 11.11 -13.00
N TYR B 74 -1.36 10.39 -13.52
CA TYR B 74 -1.52 9.58 -14.72
C TYR B 74 -0.83 8.25 -14.51
N TYR B 75 -1.52 7.16 -14.89
CA TYR B 75 -1.00 5.82 -14.77
C TYR B 75 -1.35 5.03 -16.02
N PRO B 76 -0.54 4.04 -16.37
CA PRO B 76 -0.99 3.02 -17.33
C PRO B 76 -1.84 1.97 -16.63
N ASP B 77 -2.60 1.23 -17.43
CA ASP B 77 -3.53 0.25 -16.87
C ASP B 77 -2.80 -0.87 -16.13
N SER B 78 -1.52 -1.09 -16.40
CA SER B 78 -0.79 -2.18 -15.76
C SER B 78 -0.66 -1.95 -14.25
N VAL B 79 -0.61 -0.69 -13.82
CA VAL B 79 -0.47 -0.37 -12.40
C VAL B 79 -1.63 0.42 -11.84
N LYS B 80 -2.59 0.84 -12.68
CA LYS B 80 -3.72 1.61 -12.20
C LYS B 80 -4.51 0.80 -11.18
N GLY B 81 -4.81 1.43 -10.05
CA GLY B 81 -5.45 0.77 -8.93
C GLY B 81 -4.50 0.18 -7.92
N ARG B 82 -3.27 -0.13 -8.32
CA ARG B 82 -2.28 -0.73 -7.43
C ARG B 82 -1.22 0.26 -6.96
N PHE B 83 -0.77 1.16 -7.82
CA PHE B 83 0.28 2.11 -7.50
C PHE B 83 -0.33 3.51 -7.35
N THR B 84 0.18 4.27 -6.38
CA THR B 84 -0.25 5.64 -6.16
C THR B 84 0.98 6.53 -6.12
N ILE B 85 1.04 7.49 -7.03
CA ILE B 85 2.11 8.48 -7.05
C ILE B 85 1.65 9.70 -6.25
N SER B 86 2.55 10.24 -5.43
CA SER B 86 2.25 11.41 -4.63
C SER B 86 3.54 12.20 -4.43
N ARG B 87 3.40 13.43 -3.96
CA ARG B 87 4.55 14.30 -3.77
C ARG B 87 4.30 15.22 -2.58
N ASP B 88 5.40 15.60 -1.92
CA ASP B 88 5.38 16.59 -0.84
C ASP B 88 6.28 17.73 -1.28
N ASN B 89 5.67 18.80 -1.82
CA ASN B 89 6.44 19.92 -2.33
C ASN B 89 7.14 20.70 -1.23
N ALA B 90 6.64 20.63 0.00
CA ALA B 90 7.36 21.25 1.11
C ALA B 90 8.62 20.46 1.44
N LYS B 91 8.54 19.13 1.39
CA LYS B 91 9.68 18.27 1.67
C LYS B 91 10.50 17.95 0.42
N ASN B 92 10.07 18.43 -0.74
CA ASN B 92 10.77 18.18 -2.01
C ASN B 92 11.00 16.69 -2.23
N THR B 93 9.93 15.91 -2.10
CA THR B 93 10.04 14.45 -2.17
C THR B 93 8.91 13.91 -3.03
N LEU B 94 9.24 12.92 -3.85
CA LEU B 94 8.28 12.18 -4.64
C LEU B 94 8.09 10.79 -4.04
N TYR B 95 6.86 10.29 -4.05
CA TYR B 95 6.56 8.97 -3.50
C TYR B 95 5.86 8.10 -4.53
N LEU B 96 6.02 6.79 -4.36
CA LEU B 96 5.26 5.80 -5.12
C LEU B 96 4.88 4.68 -4.17
N GLN B 97 3.61 4.63 -3.81
CA GLN B 97 3.08 3.54 -2.98
C GLN B 97 2.66 2.39 -3.89
N MET B 98 3.30 1.24 -3.72
CA MET B 98 3.07 0.07 -4.55
C MET B 98 2.39 -1.01 -3.73
N SER B 99 1.18 -1.40 -4.13
CA SER B 99 0.42 -2.44 -3.46
CA SER B 99 0.42 -2.44 -3.46
C SER B 99 0.03 -3.52 -4.48
N SER B 100 -0.34 -4.68 -3.96
CA SER B 100 -0.72 -5.84 -4.78
C SER B 100 0.36 -6.14 -5.81
N LEU B 101 1.59 -6.25 -5.34
CA LEU B 101 2.73 -6.37 -6.23
C LEU B 101 2.76 -7.73 -6.90
N ARG B 102 3.13 -7.74 -8.18
CA ARG B 102 3.21 -8.94 -8.99
C ARG B 102 4.63 -9.11 -9.53
N SER B 103 4.92 -10.31 -10.02
CA SER B 103 6.27 -10.64 -10.46
C SER B 103 6.76 -9.71 -11.55
N GLU B 104 5.86 -9.28 -12.44
CA GLU B 104 6.25 -8.38 -13.52
C GLU B 104 6.61 -6.98 -13.03
N ASP B 105 6.40 -6.68 -11.74
CA ASP B 105 6.82 -5.39 -11.19
C ASP B 105 8.28 -5.38 -10.79
N THR B 106 8.98 -6.52 -10.86
CA THR B 106 10.41 -6.57 -10.56
C THR B 106 11.17 -5.73 -11.56
N ALA B 107 11.83 -4.67 -11.07
CA ALA B 107 12.52 -3.73 -11.95
C ALA B 107 13.29 -2.72 -11.10
N MET B 108 14.15 -1.96 -11.78
CA MET B 108 14.79 -0.79 -11.20
CA MET B 108 14.79 -0.79 -11.20
C MET B 108 13.90 0.42 -11.45
N TYR B 109 13.50 1.11 -10.38
CA TYR B 109 12.56 2.21 -10.48
C TYR B 109 13.32 3.54 -10.43
N TYR B 110 13.17 4.34 -11.48
CA TYR B 110 13.82 5.63 -11.59
C TYR B 110 12.84 6.77 -11.32
N CYS B 111 13.31 7.78 -10.60
CA CYS B 111 12.59 9.03 -10.39
C CYS B 111 13.10 10.05 -11.41
N ALA B 112 12.17 10.77 -12.04
CA ALA B 112 12.56 11.64 -13.14
C ALA B 112 11.68 12.88 -13.19
N SER B 113 12.31 14.02 -13.47
CA SER B 113 11.61 15.29 -13.57
C SER B 113 11.26 15.62 -15.01
N ALA B 114 10.22 16.42 -15.19
CA ALA B 114 9.75 16.83 -16.50
C ALA B 114 9.87 18.33 -16.66
N TYR B 115 9.66 18.78 -17.90
CA TYR B 115 9.46 20.20 -18.21
C TYR B 115 8.11 20.26 -18.93
N ASP B 116 7.07 20.59 -18.16
CA ASP B 116 5.69 20.50 -18.64
C ASP B 116 5.52 21.21 -19.98
N GLY B 117 4.99 20.46 -20.96
CA GLY B 117 4.74 20.99 -22.28
C GLY B 117 5.85 20.74 -23.29
N SER B 118 7.07 20.45 -22.82
CA SER B 118 8.21 20.27 -23.72
C SER B 118 8.71 18.83 -23.75
N TYR B 119 9.22 18.30 -22.64
CA TYR B 119 9.74 16.94 -22.63
C TYR B 119 9.43 16.29 -21.29
N TYR B 120 9.59 14.96 -21.25
CA TYR B 120 9.02 14.15 -20.19
C TYR B 120 10.01 13.82 -19.07
N PHE B 121 11.24 13.42 -19.41
CA PHE B 121 12.16 12.87 -18.42
C PHE B 121 13.50 13.62 -18.51
N ASP B 122 13.56 14.76 -17.82
CA ASP B 122 14.71 15.65 -17.80
C ASP B 122 15.88 15.03 -17.04
N TYR B 123 15.80 15.02 -15.71
CA TYR B 123 16.84 14.47 -14.85
C TYR B 123 16.37 13.13 -14.28
N TRP B 124 17.26 12.15 -14.30
CA TRP B 124 16.98 10.84 -13.73
C TRP B 124 17.86 10.60 -12.51
N GLY B 125 17.29 9.99 -11.48
CA GLY B 125 18.08 9.43 -10.41
C GLY B 125 18.75 8.15 -10.87
N GLN B 126 19.54 7.57 -9.97
CA GLN B 126 20.21 6.32 -10.31
C GLN B 126 19.36 5.09 -10.00
N GLY B 127 18.20 5.26 -9.38
CA GLY B 127 17.21 4.21 -9.28
C GLY B 127 17.32 3.41 -7.99
N THR B 128 16.23 2.71 -7.68
CA THR B 128 16.18 1.77 -6.57
C THR B 128 15.54 0.47 -7.05
N THR B 129 16.09 -0.65 -6.60
CA THR B 129 15.70 -1.96 -7.12
C THR B 129 14.57 -2.55 -6.30
N VAL B 130 13.53 -3.02 -7.00
CA VAL B 130 12.41 -3.74 -6.39
C VAL B 130 12.43 -5.16 -6.94
N THR B 131 12.43 -6.14 -6.03
CA THR B 131 12.45 -7.55 -6.40
C THR B 131 11.24 -8.24 -5.78
N VAL B 132 10.39 -8.83 -6.61
CA VAL B 132 9.25 -9.61 -6.16
C VAL B 132 9.66 -11.07 -6.13
N CYS B 133 9.63 -11.69 -4.96
CA CYS B 133 10.06 -13.07 -4.81
C CYS B 133 9.09 -14.01 -5.52
N SER B 134 9.49 -15.28 -5.58
CA SER B 134 8.65 -16.29 -6.22
C SER B 134 7.47 -16.67 -5.33
N GLY B 135 6.46 -17.25 -5.96
CA GLY B 135 5.29 -17.71 -5.24
C GLY B 135 5.35 -19.19 -4.91
N SER B 136 6.49 -19.65 -4.42
CA SER B 136 6.66 -21.06 -4.10
C SER B 136 7.78 -21.20 -3.07
N ASP B 137 8.50 -22.34 -3.11
CA ASP B 137 9.65 -22.62 -2.26
C ASP B 137 9.28 -22.84 -0.80
N TYR B 138 8.28 -22.11 -0.30
CA TYR B 138 7.83 -22.32 1.07
C TYR B 138 7.05 -23.62 1.23
N GLU B 139 6.55 -24.18 0.12
CA GLU B 139 5.70 -25.37 0.21
C GLU B 139 6.47 -26.56 0.77
N PHE B 140 7.67 -26.79 0.26
CA PHE B 140 8.47 -27.92 0.76
C PHE B 140 9.26 -27.58 2.02
N LEU B 141 9.22 -26.32 2.48
CA LEU B 141 9.99 -25.91 3.64
C LEU B 141 9.19 -25.94 4.93
N LYS B 142 7.86 -25.92 4.86
CA LYS B 142 7.03 -25.84 6.06
C LYS B 142 6.99 -27.15 6.85
N SER B 143 7.65 -28.20 6.38
CA SER B 143 7.70 -29.47 7.10
C SER B 143 9.10 -29.83 7.57
N TRP B 144 10.10 -29.00 7.27
CA TRP B 144 11.46 -29.28 7.70
C TRP B 144 11.61 -29.03 9.20
N THR B 145 12.69 -29.57 9.76
CA THR B 145 13.01 -29.28 11.15
C THR B 145 13.71 -27.93 11.25
N VAL B 146 13.69 -27.36 12.46
CA VAL B 146 14.38 -26.10 12.69
C VAL B 146 15.87 -26.24 12.42
N GLU B 147 16.44 -27.40 12.75
CA GLU B 147 17.84 -27.66 12.46
C GLU B 147 18.14 -27.54 10.98
N ASP B 148 17.36 -28.24 10.14
CA ASP B 148 17.61 -28.22 8.71
C ASP B 148 17.34 -26.85 8.11
N LEU B 149 16.38 -26.10 8.67
CA LEU B 149 16.09 -24.76 8.17
C LEU B 149 17.25 -23.81 8.47
N GLN B 150 17.74 -23.81 9.72
CA GLN B 150 18.86 -22.95 10.06
C GLN B 150 20.13 -23.37 9.33
N LYS B 151 20.29 -24.67 9.06
CA LYS B 151 21.43 -25.12 8.28
C LYS B 151 21.36 -24.59 6.85
N ARG B 152 20.16 -24.52 6.28
CA ARG B 152 20.00 -23.94 4.95
C ARG B 152 20.32 -22.45 4.96
N LEU B 153 19.87 -21.74 6.00
CA LEU B 153 20.19 -20.32 6.13
C LEU B 153 21.69 -20.10 6.16
N LEU B 154 22.41 -20.86 6.99
CA LEU B 154 23.85 -20.69 7.13
C LEU B 154 24.57 -21.02 5.83
N ALA B 155 24.12 -22.05 5.13
CA ALA B 155 24.78 -22.47 3.90
C ALA B 155 24.67 -21.42 2.80
N LEU B 156 23.68 -20.54 2.86
CA LEU B 156 23.43 -19.61 1.76
C LEU B 156 24.50 -18.55 1.64
N ASP B 157 25.07 -18.11 2.76
CA ASP B 157 25.95 -16.95 2.72
C ASP B 157 27.27 -17.26 2.00
N PRO B 158 27.91 -18.42 2.23
CA PRO B 158 29.08 -18.75 1.39
C PRO B 158 28.78 -18.75 -0.10
N MET B 159 27.60 -19.20 -0.51
CA MET B 159 27.28 -19.23 -1.93
C MET B 159 27.13 -17.82 -2.51
N MET B 160 26.50 -16.92 -1.75
CA MET B 160 26.33 -15.56 -2.24
C MET B 160 27.67 -14.85 -2.38
N GLU B 161 28.53 -14.98 -1.36
CA GLU B 161 29.85 -14.35 -1.44
C GLU B 161 30.69 -14.95 -2.56
N GLN B 162 30.47 -16.23 -2.88
CA GLN B 162 31.18 -16.85 -4.00
C GLN B 162 30.69 -16.32 -5.33
N GLU B 163 29.37 -16.11 -5.46
CA GLU B 163 28.83 -15.52 -6.69
C GLU B 163 29.32 -14.09 -6.87
N ILE B 164 29.42 -13.34 -5.77
CA ILE B 164 29.93 -11.97 -5.84
C ILE B 164 31.40 -11.98 -6.25
N GLU B 165 32.20 -12.85 -5.65
CA GLU B 165 33.61 -12.94 -6.01
C GLU B 165 33.80 -13.35 -7.46
N GLU B 166 32.93 -14.22 -7.96
CA GLU B 166 33.02 -14.64 -9.36
C GLU B 166 32.65 -13.50 -10.31
N ILE B 167 31.73 -12.63 -9.89
CA ILE B 167 31.44 -11.42 -10.67
C ILE B 167 32.67 -10.53 -10.73
N ARG B 168 33.37 -10.39 -9.60
CA ARG B 168 34.56 -9.54 -9.57
C ARG B 168 35.66 -10.11 -10.46
N GLN B 169 35.80 -11.44 -10.50
CA GLN B 169 36.77 -12.05 -11.40
C GLN B 169 36.39 -11.81 -12.86
N LYS B 170 35.09 -11.91 -13.17
CA LYS B 170 34.63 -11.64 -14.53
C LYS B 170 35.03 -10.24 -14.98
N TYR B 171 34.88 -9.25 -14.10
CA TYR B 171 35.18 -7.88 -14.48
C TYR B 171 36.68 -7.61 -14.48
N GLN B 172 37.44 -8.36 -13.68
CA GLN B 172 38.90 -8.30 -13.81
C GLN B 172 39.33 -8.74 -15.20
N SER B 173 38.70 -9.79 -15.73
CA SER B 173 39.00 -10.23 -17.09
C SER B 173 38.52 -9.22 -18.12
N LYS B 174 37.40 -8.53 -17.85
CA LYS B 174 36.91 -7.50 -18.76
C LYS B 174 37.84 -6.29 -18.77
N ARG B 175 38.39 -5.94 -17.60
CA ARG B 175 39.22 -4.74 -17.50
C ARG B 175 40.59 -4.93 -18.13
N GLN B 176 41.12 -6.16 -18.11
CA GLN B 176 42.53 -6.36 -18.47
C GLN B 176 42.89 -5.89 -19.87
N PRO B 177 42.15 -6.23 -20.93
CA PRO B 177 42.56 -5.74 -22.26
C PRO B 177 42.55 -4.22 -22.37
N ILE B 178 41.65 -3.55 -21.65
CA ILE B 178 41.63 -2.09 -21.66
C ILE B 178 42.87 -1.55 -20.95
N LEU B 179 43.22 -2.13 -19.80
CA LEU B 179 44.45 -1.73 -19.11
C LEU B 179 45.67 -2.02 -19.98
N ASP B 180 45.67 -3.16 -20.69
CA ASP B 180 46.78 -3.48 -21.56
C ASP B 180 46.94 -2.45 -22.68
N ALA B 181 45.83 -1.97 -23.22
CA ALA B 181 45.89 -0.99 -24.30
C ALA B 181 46.42 0.34 -23.79
N ILE B 182 46.06 0.73 -22.56
CA ILE B 182 46.60 1.95 -21.98
C ILE B 182 48.10 1.80 -21.75
N GLU B 183 48.55 0.61 -21.36
CA GLU B 183 49.96 0.39 -21.09
C GLU B 183 50.79 0.40 -22.37
N ALA B 184 50.19 0.06 -23.50
CA ALA B 184 50.90 -0.05 -24.76
C ALA B 184 51.04 1.27 -25.50
N LYS B 185 50.69 2.38 -24.87
CA LYS B 185 50.79 3.69 -25.50
C LYS B 185 52.20 4.25 -25.40
N MET C 15 -18.92 19.67 0.82
CA MET C 15 -18.58 19.34 2.19
C MET C 15 -19.09 17.94 2.55
N ASP C 16 -18.35 17.26 3.42
CA ASP C 16 -18.79 15.96 3.91
C ASP C 16 -20.08 16.10 4.71
N VAL C 17 -20.90 15.06 4.69
CA VAL C 17 -22.17 15.07 5.40
C VAL C 17 -21.91 14.72 6.86
N LEU C 18 -22.35 15.59 7.77
CA LEU C 18 -22.27 15.33 9.20
C LEU C 18 -23.57 14.70 9.67
N MET C 19 -23.46 13.61 10.41
CA MET C 19 -24.61 12.92 10.98
C MET C 19 -24.58 13.12 12.49
N THR C 20 -25.65 13.70 13.04
CA THR C 20 -25.72 14.05 14.45
C THR C 20 -26.89 13.29 15.07
N GLN C 21 -26.61 12.55 16.13
CA GLN C 21 -27.61 11.72 16.80
C GLN C 21 -27.95 12.30 18.16
N THR C 22 -29.24 12.29 18.49
CA THR C 22 -29.74 12.74 19.77
C THR C 22 -30.84 11.78 20.23
N PRO C 23 -30.92 11.48 21.53
CA PRO C 23 -30.01 11.94 22.60
C PRO C 23 -28.73 11.11 22.62
N LEU C 24 -27.71 11.55 23.37
CA LEU C 24 -26.50 10.74 23.49
C LEU C 24 -26.79 9.46 24.26
N SER C 25 -27.68 9.53 25.25
CA SER C 25 -28.08 8.37 26.03
C SER C 25 -29.58 8.43 26.26
N LEU C 26 -30.25 7.28 26.12
CA LEU C 26 -31.68 7.17 26.32
C LEU C 26 -31.96 6.11 27.38
N PRO C 27 -32.11 6.50 28.64
CA PRO C 27 -32.52 5.53 29.66
C PRO C 27 -33.98 5.14 29.48
N VAL C 28 -34.25 3.84 29.54
CA VAL C 28 -35.60 3.31 29.39
C VAL C 28 -35.78 2.14 30.34
N SER C 29 -37.04 1.86 30.65
CA SER C 29 -37.41 0.61 31.30
C SER C 29 -37.95 -0.35 30.25
N LEU C 30 -37.90 -1.65 30.56
CA LEU C 30 -38.43 -2.64 29.64
C LEU C 30 -39.92 -2.40 29.42
N GLY C 31 -40.35 -2.44 28.16
CA GLY C 31 -41.71 -2.17 27.80
C GLY C 31 -41.99 -0.75 27.36
N ASP C 32 -41.08 0.18 27.66
CA ASP C 32 -41.27 1.57 27.26
C ASP C 32 -41.18 1.72 25.75
N GLN C 33 -41.64 2.87 25.27
CA GLN C 33 -41.38 3.28 23.90
C GLN C 33 -40.06 4.04 23.84
N ALA C 34 -39.41 3.98 22.69
CA ALA C 34 -38.11 4.61 22.50
C ALA C 34 -38.06 5.28 21.13
N SER C 35 -37.52 6.49 21.10
CA SER C 35 -37.39 7.25 19.85
C SER C 35 -35.99 7.85 19.79
N ILE C 36 -35.29 7.61 18.69
CA ILE C 36 -33.93 8.09 18.48
C ILE C 36 -33.90 8.94 17.23
N SER C 37 -33.22 10.08 17.30
CA SER C 37 -33.16 11.03 16.21
C SER C 37 -31.77 11.00 15.55
N CYS C 38 -31.76 11.16 14.23
CA CYS C 38 -30.52 11.30 13.48
C CYS C 38 -30.70 12.42 12.47
N ARG C 39 -29.85 13.44 12.56
CA ARG C 39 -29.93 14.61 11.69
C ARG C 39 -28.72 14.64 10.77
N SER C 40 -28.96 14.90 9.48
CA SER C 40 -27.90 15.05 8.51
C SER C 40 -27.64 16.53 8.24
N SER C 41 -26.37 16.90 8.09
CA SER C 41 -26.01 18.29 7.85
C SER C 41 -26.49 18.80 6.49
N GLN C 42 -26.87 17.89 5.59
CA GLN C 42 -27.44 18.27 4.31
C GLN C 42 -28.31 17.12 3.83
N SER C 43 -28.94 17.31 2.66
CA SER C 43 -29.78 16.27 2.09
C SER C 43 -28.95 15.04 1.74
N ILE C 44 -29.51 13.87 1.97
CA ILE C 44 -28.80 12.62 1.70
C ILE C 44 -29.60 11.77 0.71
N VAL C 45 -29.99 12.37 -0.40
CA VAL C 45 -30.68 11.66 -1.47
C VAL C 45 -29.63 11.22 -2.50
N HIS C 46 -29.47 9.91 -2.64
CA HIS C 46 -28.51 9.38 -3.62
C HIS C 46 -28.91 9.82 -5.03
N SER C 47 -27.93 9.76 -5.94
CA SER C 47 -28.16 10.19 -7.31
C SER C 47 -29.20 9.32 -8.02
N ASN C 48 -29.45 8.10 -7.55
CA ASN C 48 -30.47 7.25 -8.14
C ASN C 48 -31.85 7.45 -7.52
N GLY C 49 -32.01 8.45 -6.65
CA GLY C 49 -33.29 8.75 -6.05
C GLY C 49 -33.53 8.12 -4.69
N ASN C 50 -32.75 7.12 -4.32
CA ASN C 50 -32.93 6.46 -3.02
C ASN C 50 -32.23 7.23 -1.92
N THR C 51 -32.73 7.09 -0.70
CA THR C 51 -32.10 7.64 0.49
C THR C 51 -31.49 6.49 1.27
N TYR C 52 -30.15 6.42 1.27
CA TYR C 52 -29.45 5.29 1.87
C TYR C 52 -29.10 5.60 3.33
N LEU C 53 -30.15 5.82 4.12
CA LEU C 53 -30.02 5.96 5.56
C LEU C 53 -30.24 4.59 6.22
N GLU C 54 -29.30 4.20 7.08
CA GLU C 54 -29.35 2.89 7.72
C GLU C 54 -29.16 3.05 9.22
N TRP C 55 -29.75 2.13 9.97
CA TRP C 55 -29.63 2.08 11.43
C TRP C 55 -28.95 0.78 11.83
N TYR C 56 -27.93 0.89 12.68
CA TYR C 56 -27.19 -0.27 13.17
C TYR C 56 -27.26 -0.32 14.68
N LEU C 57 -27.21 -1.55 15.22
CA LEU C 57 -27.21 -1.79 16.65
C LEU C 57 -25.96 -2.58 17.02
N GLN C 58 -25.23 -2.10 18.03
CA GLN C 58 -24.00 -2.74 18.46
C GLN C 58 -24.07 -3.03 19.95
N LYS C 59 -23.79 -4.28 20.33
CA LYS C 59 -23.65 -4.73 21.70
C LYS C 59 -22.20 -4.63 22.15
N PRO C 60 -21.96 -4.42 23.44
CA PRO C 60 -20.57 -4.26 23.92
C PRO C 60 -19.71 -5.45 23.57
N GLY C 61 -18.51 -5.16 23.05
CA GLY C 61 -17.57 -6.19 22.70
C GLY C 61 -17.91 -6.98 21.46
N GLN C 62 -18.91 -6.55 20.69
CA GLN C 62 -19.35 -7.26 19.49
C GLN C 62 -19.47 -6.28 18.34
N SER C 63 -19.60 -6.84 17.12
CA SER C 63 -19.66 -6.08 15.89
C SER C 63 -21.07 -5.57 15.63
N PRO C 64 -21.22 -4.43 14.95
CA PRO C 64 -22.55 -3.89 14.67
C PRO C 64 -23.35 -4.81 13.76
N LYS C 65 -24.68 -4.67 13.85
CA LYS C 65 -25.61 -5.43 13.02
C LYS C 65 -26.63 -4.49 12.40
N LEU C 66 -27.07 -4.82 11.20
CA LEU C 66 -28.00 -3.99 10.46
C LEU C 66 -29.42 -4.18 10.98
N LEU C 67 -30.11 -3.05 11.19
CA LEU C 67 -31.50 -3.05 11.65
C LEU C 67 -32.45 -2.51 10.60
N ILE C 68 -32.21 -1.29 10.13
CA ILE C 68 -33.08 -0.60 9.18
C ILE C 68 -32.23 -0.13 8.01
N TYR C 69 -32.75 -0.28 6.79
CA TYR C 69 -32.08 0.21 5.61
C TYR C 69 -33.06 1.00 4.75
N LYS C 70 -32.52 1.95 3.99
CA LYS C 70 -33.30 2.87 3.16
C LYS C 70 -34.44 3.50 3.96
N VAL C 71 -34.05 4.12 5.07
CA VAL C 71 -34.91 4.92 5.95
C VAL C 71 -35.88 4.07 6.74
N SER C 72 -36.65 3.21 6.06
CA SER C 72 -37.80 2.57 6.70
C SER C 72 -37.92 1.06 6.48
N ASN C 73 -36.97 0.42 5.82
CA ASN C 73 -37.08 -1.00 5.53
C ASN C 73 -36.40 -1.81 6.64
N ARG C 74 -37.14 -2.77 7.19
CA ARG C 74 -36.60 -3.64 8.24
C ARG C 74 -35.73 -4.72 7.61
N PHE C 75 -34.53 -4.89 8.15
CA PHE C 75 -33.64 -5.93 7.68
C PHE C 75 -34.21 -7.31 8.07
N SER C 76 -33.81 -8.33 7.31
CA SER C 76 -34.31 -9.68 7.52
C SER C 76 -34.09 -10.13 8.96
N GLY C 77 -35.18 -10.48 9.64
CA GLY C 77 -35.12 -10.96 11.00
C GLY C 77 -35.37 -9.92 12.07
N VAL C 78 -35.57 -8.66 11.70
CA VAL C 78 -35.80 -7.59 12.68
C VAL C 78 -37.28 -7.55 13.04
N PRO C 79 -37.63 -7.59 14.32
CA PRO C 79 -39.05 -7.69 14.70
C PRO C 79 -39.82 -6.42 14.38
N ASP C 80 -41.15 -6.56 14.45
CA ASP C 80 -42.06 -5.49 14.03
C ASP C 80 -41.99 -4.26 14.92
N ARG C 81 -41.48 -4.38 16.14
CA ARG C 81 -41.44 -3.23 17.04
C ARG C 81 -40.47 -2.16 16.59
N PHE C 82 -39.56 -2.47 15.69
CA PHE C 82 -38.65 -1.48 15.12
C PHE C 82 -39.28 -0.84 13.90
N SER C 83 -39.12 0.47 13.76
CA SER C 83 -39.62 1.19 12.60
C SER C 83 -38.76 2.43 12.38
N GLY C 84 -38.50 2.73 11.11
CA GLY C 84 -37.73 3.89 10.74
C GLY C 84 -38.55 4.84 9.88
N SER C 85 -38.24 6.13 9.99
CA SER C 85 -38.96 7.15 9.25
C SER C 85 -38.05 8.36 9.07
N GLY C 86 -38.49 9.27 8.21
CA GLY C 86 -37.76 10.51 8.01
C GLY C 86 -37.64 10.95 6.56
N SER C 87 -37.19 12.17 6.35
CA SER C 87 -36.97 12.73 5.03
C SER C 87 -36.15 14.00 5.19
N GLY C 88 -35.63 14.51 4.08
CA GLY C 88 -34.82 15.71 4.10
C GLY C 88 -33.56 15.54 4.93
N THR C 89 -33.56 16.12 6.14
CA THR C 89 -32.41 16.05 7.02
C THR C 89 -32.74 15.49 8.39
N ASP C 90 -33.98 15.03 8.61
CA ASP C 90 -34.42 14.53 9.90
C ASP C 90 -34.91 13.10 9.74
N PHE C 91 -34.35 12.19 10.54
CA PHE C 91 -34.70 10.78 10.50
C PHE C 91 -34.83 10.25 11.91
N THR C 92 -35.70 9.25 12.08
CA THR C 92 -36.07 8.78 13.40
C THR C 92 -36.19 7.25 13.41
N LEU C 93 -35.65 6.64 14.46
CA LEU C 93 -35.84 5.21 14.74
C LEU C 93 -36.70 5.07 15.98
N LYS C 94 -37.71 4.19 15.91
CA LYS C 94 -38.65 4.02 16.99
C LYS C 94 -38.76 2.54 17.37
N ILE C 95 -38.82 2.29 18.68
CA ILE C 95 -39.12 0.96 19.23
C ILE C 95 -40.43 1.09 20.01
N SER C 96 -41.44 0.33 19.60
CA SER C 96 -42.76 0.45 20.23
C SER C 96 -42.75 -0.11 21.64
N ARG C 97 -42.03 -1.21 21.87
CA ARG C 97 -41.98 -1.82 23.20
C ARG C 97 -40.58 -2.39 23.39
N VAL C 98 -39.79 -1.73 24.23
CA VAL C 98 -38.38 -2.07 24.37
C VAL C 98 -38.23 -3.41 25.09
N GLU C 99 -37.42 -4.29 24.52
CA GLU C 99 -37.05 -5.55 25.14
C GLU C 99 -35.58 -5.51 25.54
N ALA C 100 -35.19 -6.48 26.38
CA ALA C 100 -33.82 -6.52 26.89
C ALA C 100 -32.81 -6.71 25.77
N GLU C 101 -33.20 -7.40 24.70
CA GLU C 101 -32.30 -7.62 23.57
C GLU C 101 -32.06 -6.36 22.76
N ASP C 102 -32.85 -5.31 22.96
CA ASP C 102 -32.73 -4.08 22.18
C ASP C 102 -31.73 -3.09 22.79
N LEU C 103 -31.28 -3.33 24.01
CA LEU C 103 -30.36 -2.39 24.66
C LEU C 103 -28.98 -2.46 24.00
N GLY C 104 -28.38 -1.29 23.81
CA GLY C 104 -27.11 -1.18 23.15
C GLY C 104 -26.95 0.20 22.54
N VAL C 105 -25.97 0.31 21.64
CA VAL C 105 -25.65 1.57 21.00
C VAL C 105 -26.18 1.55 19.57
N TYR C 106 -26.96 2.56 19.22
CA TYR C 106 -27.58 2.66 17.90
C TYR C 106 -26.83 3.69 17.06
N TYR C 107 -26.47 3.31 15.84
CA TYR C 107 -25.73 4.16 14.93
C TYR C 107 -26.56 4.39 13.66
N CYS C 108 -26.66 5.65 13.23
CA CYS C 108 -27.21 5.94 11.92
C CYS C 108 -26.06 6.15 10.94
N PHE C 109 -26.36 5.93 9.66
CA PHE C 109 -25.34 5.91 8.62
C PHE C 109 -25.97 6.36 7.31
N GLN C 110 -25.28 7.25 6.60
CA GLN C 110 -25.71 7.70 5.28
C GLN C 110 -24.77 7.11 4.23
N GLY C 111 -25.34 6.50 3.21
CA GLY C 111 -24.57 5.97 2.10
C GLY C 111 -24.94 6.63 0.80
N SER C 112 -25.39 7.88 0.89
CA SER C 112 -25.85 8.62 -0.29
C SER C 112 -24.74 9.42 -0.95
N HIS C 113 -23.89 10.07 -0.17
CA HIS C 113 -22.85 10.95 -0.69
C HIS C 113 -21.50 10.54 -0.12
N VAL C 114 -20.55 10.27 -1.00
CA VAL C 114 -19.18 9.98 -0.57
C VAL C 114 -18.57 11.23 0.05
N PRO C 115 -17.87 11.13 1.19
CA PRO C 115 -17.61 9.92 1.99
C PRO C 115 -18.81 9.52 2.83
N TRP C 116 -19.15 8.23 2.84
CA TRP C 116 -20.25 7.75 3.65
C TRP C 116 -19.88 7.82 5.13
N THR C 117 -20.80 8.30 5.95
CA THR C 117 -20.49 8.69 7.32
C THR C 117 -21.50 8.12 8.30
N PHE C 118 -21.03 7.86 9.52
CA PHE C 118 -21.84 7.37 10.62
C PHE C 118 -22.20 8.51 11.57
N GLY C 119 -23.30 8.32 12.28
CA GLY C 119 -23.60 9.17 13.42
C GLY C 119 -22.76 8.79 14.62
N GLY C 120 -22.81 9.64 15.65
CA GLY C 120 -22.02 9.42 16.84
C GLY C 120 -22.50 8.29 17.73
N GLY C 121 -23.75 7.89 17.59
CA GLY C 121 -24.25 6.80 18.39
C GLY C 121 -25.17 7.26 19.50
N THR C 122 -26.18 6.44 19.80
CA THR C 122 -27.11 6.66 20.90
C THR C 122 -27.19 5.39 21.71
N LYS C 123 -26.87 5.47 23.00
CA LYS C 123 -26.87 4.30 23.87
C LYS C 123 -28.25 4.15 24.52
N LEU C 124 -28.99 3.14 24.09
CA LEU C 124 -30.24 2.77 24.75
C LEU C 124 -29.90 1.87 25.93
N GLU C 125 -30.12 2.36 27.14
CA GLU C 125 -29.75 1.64 28.36
C GLU C 125 -30.92 1.60 29.32
N ILE C 126 -30.77 0.79 30.35
CA ILE C 126 -31.85 0.53 31.30
C ILE C 126 -31.89 1.64 32.36
N LYS C 127 -33.09 1.96 32.80
CA LYS C 127 -33.29 2.92 33.89
C LYS C 127 -32.83 2.28 35.19
N ARG C 128 -31.65 2.66 35.65
CA ARG C 128 -31.07 2.04 36.84
C ARG C 128 -31.67 2.61 38.12
N GLY C 129 -31.37 3.87 38.41
CA GLY C 129 -31.77 4.48 39.66
C GLY C 129 -30.63 4.56 40.65
N SER C 130 -30.99 4.68 41.92
CA SER C 130 -30.00 4.79 42.99
C SER C 130 -29.39 3.44 43.36
N ASP C 131 -30.04 2.34 42.99
CA ASP C 131 -29.55 1.02 43.40
C ASP C 131 -29.74 -0.02 42.30
N TYR C 132 -29.99 -1.26 42.67
CA TYR C 132 -30.12 -2.37 41.72
C TYR C 132 -31.51 -2.99 41.75
N GLU C 133 -32.51 -2.27 42.24
CA GLU C 133 -33.86 -2.83 42.33
C GLU C 133 -34.53 -2.94 40.97
N PHE C 134 -34.00 -2.28 39.93
CA PHE C 134 -34.57 -2.41 38.60
C PHE C 134 -34.45 -3.83 38.06
N LEU C 135 -33.50 -4.62 38.58
CA LEU C 135 -33.34 -6.01 38.16
C LEU C 135 -34.40 -6.93 38.72
N LYS C 136 -35.21 -6.48 39.69
CA LYS C 136 -36.15 -7.38 40.35
C LYS C 136 -37.31 -7.74 39.43
N SER C 137 -37.70 -6.85 38.53
CA SER C 137 -38.81 -7.10 37.61
C SER C 137 -38.37 -7.83 36.34
N TRP C 138 -37.08 -8.07 36.17
CA TRP C 138 -36.59 -8.77 34.99
C TRP C 138 -36.86 -10.27 35.11
N THR C 139 -37.16 -10.90 33.98
CA THR C 139 -37.26 -12.35 33.95
C THR C 139 -35.87 -12.96 34.11
N VAL C 140 -35.84 -14.26 34.43
CA VAL C 140 -34.56 -14.95 34.57
C VAL C 140 -33.84 -15.02 33.23
N GLU C 141 -34.58 -15.23 32.14
CA GLU C 141 -33.96 -15.28 30.82
C GLU C 141 -33.31 -13.95 30.48
N ASP C 142 -33.98 -12.83 30.77
CA ASP C 142 -33.40 -11.53 30.50
C ASP C 142 -32.19 -11.26 31.40
N LEU C 143 -32.28 -11.67 32.67
CA LEU C 143 -31.14 -11.52 33.56
C LEU C 143 -29.95 -12.34 33.08
N GLN C 144 -30.21 -13.53 32.55
CA GLN C 144 -29.13 -14.36 32.01
C GLN C 144 -28.50 -13.71 30.79
N LYS C 145 -29.33 -13.12 29.92
CA LYS C 145 -28.80 -12.39 28.77
C LYS C 145 -27.92 -11.23 29.22
N ARG C 146 -28.35 -10.50 30.24
CA ARG C 146 -27.54 -9.39 30.76
C ARG C 146 -26.20 -9.89 31.29
N LEU C 147 -26.22 -11.04 32.00
CA LEU C 147 -24.97 -11.61 32.51
C LEU C 147 -24.07 -12.04 31.38
N LEU C 148 -24.64 -12.66 30.33
CA LEU C 148 -23.84 -13.16 29.22
C LEU C 148 -23.23 -12.02 28.41
N ALA C 149 -23.94 -10.90 28.28
CA ALA C 149 -23.45 -9.78 27.49
C ALA C 149 -22.22 -9.12 28.10
N LEU C 150 -21.88 -9.44 29.35
CA LEU C 150 -20.69 -8.89 29.99
C LEU C 150 -19.40 -9.57 29.52
N ASP C 151 -19.49 -10.80 29.00
CA ASP C 151 -18.29 -11.52 28.62
C ASP C 151 -17.57 -10.91 27.43
N PRO C 152 -18.24 -10.55 26.33
CA PRO C 152 -17.50 -9.94 25.21
C PRO C 152 -16.82 -8.63 25.57
N MET C 153 -17.45 -7.83 26.44
CA MET C 153 -16.82 -6.58 26.87
C MET C 153 -15.60 -6.83 27.73
N MET C 154 -15.67 -7.82 28.64
CA MET C 154 -14.50 -8.18 29.44
C MET C 154 -13.33 -8.60 28.56
N GLU C 155 -13.59 -9.49 27.58
CA GLU C 155 -12.53 -9.96 26.72
C GLU C 155 -11.95 -8.83 25.88
N GLN C 156 -12.78 -7.87 25.49
CA GLN C 156 -12.28 -6.72 24.73
C GLN C 156 -11.36 -5.86 25.60
N GLU C 157 -11.74 -5.62 26.85
CA GLU C 157 -10.90 -4.84 27.75
C GLU C 157 -9.58 -5.56 28.02
N ILE C 158 -9.63 -6.88 28.22
CA ILE C 158 -8.41 -7.63 28.46
C ILE C 158 -7.50 -7.60 27.23
N GLU C 159 -8.09 -7.77 26.05
CA GLU C 159 -7.31 -7.68 24.81
C GLU C 159 -6.72 -6.30 24.62
N GLU C 160 -7.41 -5.25 25.07
CA GLU C 160 -6.86 -3.91 25.01
C GLU C 160 -5.63 -3.77 25.90
N ILE C 161 -5.69 -4.37 27.11
CA ILE C 161 -4.53 -4.37 27.99
C ILE C 161 -3.34 -5.06 27.32
N ARG C 162 -3.60 -6.18 26.65
CA ARG C 162 -2.52 -6.90 25.97
C ARG C 162 -1.92 -6.06 24.85
N GLN C 163 -2.76 -5.35 24.09
CA GLN C 163 -2.24 -4.50 23.03
C GLN C 163 -1.39 -3.36 23.59
N LYS C 164 -1.85 -2.74 24.68
CA LYS C 164 -1.09 -1.64 25.28
C LYS C 164 0.30 -2.12 25.72
N TYR C 165 0.39 -3.35 26.21
CA TYR C 165 1.68 -3.85 26.69
C TYR C 165 2.56 -4.36 25.56
N GLN C 166 1.97 -4.77 24.43
CA GLN C 166 2.76 -4.96 23.24
C GLN C 166 3.38 -3.65 22.79
N CYS C 167 2.63 -2.55 22.91
CA CYS C 167 3.16 -1.24 22.56
CA CYS C 167 3.16 -1.24 22.57
C CYS C 167 4.30 -0.85 23.51
N LYS C 168 4.14 -1.15 24.80
CA LYS C 168 5.18 -0.79 25.76
C LYS C 168 6.42 -1.65 25.61
N ARG C 169 6.26 -2.88 25.12
CA ARG C 169 7.40 -3.79 24.97
C ARG C 169 8.23 -3.48 23.73
N GLN C 170 7.62 -2.91 22.70
CA GLN C 170 8.31 -2.74 21.42
C GLN C 170 9.53 -1.84 21.51
N PRO C 171 9.49 -0.66 22.15
CA PRO C 171 10.72 0.16 22.22
C PRO C 171 11.85 -0.53 22.95
N ILE C 172 11.55 -1.27 24.02
CA ILE C 172 12.59 -1.98 24.75
C ILE C 172 13.21 -3.06 23.87
N LEU C 173 12.37 -3.83 23.19
CA LEU C 173 12.88 -4.87 22.28
C LEU C 173 13.71 -4.25 21.16
N ASP C 174 13.29 -3.08 20.67
CA ASP C 174 14.04 -2.43 19.59
C ASP C 174 15.40 -1.93 20.07
N ALA C 175 15.45 -1.35 21.27
CA ALA C 175 16.73 -0.88 21.80
C ALA C 175 17.63 -2.03 22.22
N ILE C 176 17.04 -3.18 22.58
CA ILE C 176 17.84 -4.37 22.85
C ILE C 176 18.45 -4.90 21.56
N GLU C 177 17.65 -4.97 20.50
CA GLU C 177 18.15 -5.39 19.19
C GLU C 177 19.06 -4.34 18.55
N ALA C 178 19.13 -3.14 19.11
CA ALA C 178 20.00 -2.09 18.58
C ALA C 178 21.33 -2.10 19.32
N LYS C 179 22.08 -3.18 19.10
CA LYS C 179 23.41 -3.32 19.69
C LYS C 179 24.49 -3.09 18.62
N MET D 15 -25.03 -22.79 4.03
CA MET D 15 -24.00 -22.88 5.05
C MET D 15 -23.95 -21.57 5.84
N GLU D 16 -23.49 -21.65 7.08
CA GLU D 16 -23.39 -20.47 7.94
C GLU D 16 -22.41 -19.45 7.35
N VAL D 17 -22.86 -18.20 7.27
CA VAL D 17 -22.02 -17.13 6.75
C VAL D 17 -20.95 -16.79 7.78
N GLN D 18 -19.70 -16.68 7.33
CA GLN D 18 -18.60 -16.36 8.23
C GLN D 18 -17.64 -15.38 7.55
N LEU D 19 -17.22 -14.37 8.31
CA LEU D 19 -16.20 -13.42 7.89
C LEU D 19 -15.18 -13.33 9.00
N VAL D 20 -13.94 -13.75 8.72
CA VAL D 20 -12.89 -13.83 9.72
C VAL D 20 -11.76 -12.90 9.31
N GLU D 21 -11.58 -11.81 10.04
CA GLU D 21 -10.49 -10.88 9.77
C GLU D 21 -9.22 -11.35 10.48
N SER D 22 -8.08 -11.03 9.87
CA SER D 22 -6.79 -11.38 10.43
C SER D 22 -5.74 -10.40 9.93
N GLY D 23 -4.57 -10.45 10.55
CA GLY D 23 -3.45 -9.61 10.15
C GLY D 23 -3.25 -8.37 10.97
N GLY D 24 -4.13 -8.08 11.92
CA GLY D 24 -3.96 -6.92 12.77
C GLY D 24 -2.78 -7.08 13.72
N GLY D 25 -2.35 -5.96 14.27
CA GLY D 25 -1.25 -6.00 15.22
C GLY D 25 -0.58 -4.65 15.35
N LEU D 26 0.71 -4.70 15.68
CA LEU D 26 1.48 -3.52 16.05
C LEU D 26 2.19 -2.95 14.84
N VAL D 27 2.07 -1.63 14.64
CA VAL D 27 2.73 -0.94 13.54
C VAL D 27 3.36 0.34 14.06
N LYS D 28 4.48 0.73 13.43
CA LYS D 28 5.07 2.02 13.68
C LYS D 28 4.45 3.07 12.76
N PRO D 29 4.45 4.34 13.18
CA PRO D 29 3.95 5.40 12.29
C PRO D 29 4.73 5.44 10.98
N GLY D 30 4.01 5.66 9.89
CA GLY D 30 4.59 5.60 8.57
C GLY D 30 4.81 4.19 8.05
N GLY D 31 4.47 3.17 8.81
CA GLY D 31 4.68 1.80 8.41
C GLY D 31 3.55 1.27 7.54
N SER D 32 3.61 -0.03 7.27
CA SER D 32 2.66 -0.70 6.41
C SER D 32 2.17 -1.99 7.05
N LEU D 33 0.96 -2.39 6.67
CA LEU D 33 0.35 -3.60 7.21
C LEU D 33 -0.79 -4.01 6.29
N LYS D 34 -0.97 -5.31 6.11
CA LYS D 34 -2.03 -5.84 5.25
C LYS D 34 -2.97 -6.71 6.07
N LEU D 35 -4.26 -6.42 5.99
CA LEU D 35 -5.30 -7.21 6.63
C LEU D 35 -5.97 -8.12 5.62
N SER D 36 -6.44 -9.27 6.09
CA SER D 36 -7.18 -10.21 5.27
C SER D 36 -8.52 -10.52 5.93
N CYS D 37 -9.51 -10.85 5.10
CA CYS D 37 -10.83 -11.28 5.57
C CYS D 37 -11.24 -12.51 4.78
N ALA D 38 -11.18 -13.68 5.42
CA ALA D 38 -11.56 -14.93 4.79
C ALA D 38 -13.07 -15.10 4.90
N ALA D 39 -13.74 -15.27 3.76
CA ALA D 39 -15.19 -15.37 3.69
C ALA D 39 -15.61 -16.79 3.35
N SER D 40 -16.73 -17.23 3.92
CA SER D 40 -17.27 -18.55 3.65
C SER D 40 -18.76 -18.54 3.92
N GLY D 41 -19.47 -19.49 3.33
CA GLY D 41 -20.89 -19.65 3.54
C GLY D 41 -21.79 -18.90 2.58
N PHE D 42 -21.22 -18.11 1.66
CA PHE D 42 -22.03 -17.40 0.68
C PHE D 42 -21.18 -17.16 -0.56
N THR D 43 -21.87 -16.89 -1.67
CA THR D 43 -21.17 -16.61 -2.93
C THR D 43 -20.44 -15.28 -2.83
N PHE D 44 -19.18 -15.35 -2.39
CA PHE D 44 -18.38 -14.15 -2.14
C PHE D 44 -18.35 -13.21 -3.34
N SER D 45 -18.16 -13.77 -4.54
CA SER D 45 -17.99 -12.97 -5.75
C SER D 45 -19.25 -12.27 -6.22
N SER D 46 -20.38 -12.46 -5.56
CA SER D 46 -21.64 -11.86 -5.98
C SER D 46 -21.97 -10.59 -5.20
N TYR D 47 -21.10 -10.12 -4.32
CA TYR D 47 -21.43 -9.01 -3.43
C TYR D 47 -20.25 -8.08 -3.27
N ALA D 48 -20.53 -6.79 -3.24
CA ALA D 48 -19.50 -5.81 -2.86
C ALA D 48 -19.11 -6.02 -1.41
N MET D 49 -17.88 -5.66 -1.08
CA MET D 49 -17.36 -5.81 0.27
C MET D 49 -16.70 -4.52 0.72
N SER D 50 -16.66 -4.31 2.03
CA SER D 50 -16.16 -3.07 2.60
C SER D 50 -15.29 -3.35 3.82
N TRP D 51 -14.51 -2.35 4.19
CA TRP D 51 -13.82 -2.30 5.47
C TRP D 51 -14.37 -1.13 6.26
N VAL D 52 -14.70 -1.37 7.53
CA VAL D 52 -15.19 -0.35 8.43
C VAL D 52 -14.39 -0.45 9.72
N ARG D 53 -13.97 0.69 10.27
CA ARG D 53 -13.15 0.70 11.47
C ARG D 53 -13.86 1.42 12.60
N GLN D 54 -13.57 1.00 13.82
CA GLN D 54 -14.09 1.61 15.04
C GLN D 54 -12.92 2.09 15.88
N THR D 55 -12.80 3.41 16.06
CA THR D 55 -11.70 4.01 16.78
C THR D 55 -11.79 3.67 18.27
N PRO D 56 -10.71 3.91 19.03
CA PRO D 56 -10.79 3.70 20.48
C PRO D 56 -11.90 4.49 21.14
N GLU D 57 -12.32 5.61 20.56
CA GLU D 57 -13.43 6.39 21.07
C GLU D 57 -14.78 5.83 20.67
N LYS D 58 -14.81 4.64 20.03
CA LYS D 58 -16.00 3.94 19.59
C LYS D 58 -16.70 4.62 18.41
N ARG D 59 -15.99 5.50 17.70
CA ARG D 59 -16.53 6.12 16.50
C ARG D 59 -16.37 5.19 15.31
N LEU D 60 -17.43 5.06 14.51
CA LEU D 60 -17.41 4.19 13.34
C LEU D 60 -17.06 5.00 12.10
N GLU D 61 -16.15 4.47 11.28
CA GLU D 61 -15.68 5.15 10.09
C GLU D 61 -15.57 4.16 8.94
N TRP D 62 -16.22 4.49 7.82
CA TRP D 62 -16.08 3.69 6.61
C TRP D 62 -14.67 3.86 6.03
N VAL D 63 -14.02 2.75 5.69
CA VAL D 63 -12.62 2.76 5.29
C VAL D 63 -12.46 2.56 3.78
N ALA D 64 -13.14 1.57 3.22
CA ALA D 64 -13.01 1.28 1.80
C ALA D 64 -14.11 0.31 1.39
N THR D 65 -14.43 0.30 0.09
CA THR D 65 -15.43 -0.59 -0.49
C THR D 65 -14.98 -0.99 -1.88
N ILE D 66 -15.22 -2.24 -2.24
CA ILE D 66 -14.84 -2.77 -3.54
C ILE D 66 -16.05 -3.48 -4.15
N SER D 67 -16.22 -3.33 -5.46
CA SER D 67 -17.33 -3.97 -6.15
C SER D 67 -17.17 -5.48 -6.16
N SER D 68 -18.23 -6.18 -6.57
CA SER D 68 -18.26 -7.64 -6.49
C SER D 68 -17.14 -8.27 -7.29
N GLY D 69 -16.80 -7.70 -8.44
CA GLY D 69 -15.74 -8.21 -9.28
C GLY D 69 -14.41 -7.50 -9.15
N GLY D 70 -14.36 -6.41 -8.38
CA GLY D 70 -13.10 -5.72 -8.11
C GLY D 70 -12.76 -4.60 -9.06
N SER D 71 -13.60 -4.30 -10.05
CA SER D 71 -13.27 -3.25 -11.01
C SER D 71 -13.43 -1.86 -10.41
N TYR D 72 -14.29 -1.71 -9.40
CA TYR D 72 -14.59 -0.42 -8.81
C TYR D 72 -14.22 -0.43 -7.33
N THR D 73 -13.48 0.60 -6.90
CA THR D 73 -13.12 0.77 -5.50
C THR D 73 -13.48 2.19 -5.06
N TYR D 74 -13.75 2.35 -3.77
CA TYR D 74 -14.14 3.63 -3.21
C TYR D 74 -13.43 3.85 -1.90
N TYR D 75 -12.97 5.08 -1.67
CA TYR D 75 -12.22 5.45 -0.49
C TYR D 75 -12.65 6.83 -0.03
N PRO D 76 -12.62 7.09 1.28
CA PRO D 76 -12.64 8.46 1.76
C PRO D 76 -11.24 9.07 1.68
N ASP D 77 -11.20 10.40 1.66
CA ASP D 77 -9.93 11.09 1.50
C ASP D 77 -8.98 10.84 2.65
N SER D 78 -9.49 10.40 3.81
CA SER D 78 -8.63 10.14 4.95
C SER D 78 -7.65 8.99 4.70
N VAL D 79 -7.97 8.07 3.78
CA VAL D 79 -7.13 6.91 3.54
C VAL D 79 -6.79 6.79 2.06
N LYS D 80 -7.45 7.61 1.22
CA LYS D 80 -7.24 7.54 -0.21
C LYS D 80 -5.77 7.77 -0.55
N GLY D 81 -5.21 6.87 -1.37
CA GLY D 81 -3.81 6.90 -1.70
C GLY D 81 -2.92 6.14 -0.73
N ARG D 82 -3.35 5.95 0.51
CA ARG D 82 -2.61 5.17 1.49
C ARG D 82 -3.09 3.74 1.60
N PHE D 83 -4.41 3.53 1.59
CA PHE D 83 -5.00 2.21 1.73
C PHE D 83 -5.48 1.71 0.37
N THR D 84 -5.35 0.41 0.15
CA THR D 84 -5.84 -0.23 -1.06
C THR D 84 -6.67 -1.45 -0.65
N ILE D 85 -7.93 -1.47 -1.06
CA ILE D 85 -8.79 -2.63 -0.87
C ILE D 85 -8.73 -3.48 -2.14
N SER D 86 -8.64 -4.79 -1.96
CA SER D 86 -8.60 -5.72 -3.06
C SER D 86 -9.28 -7.01 -2.63
N ARG D 87 -9.53 -7.89 -3.61
CA ARG D 87 -10.20 -9.14 -3.33
C ARG D 87 -9.67 -10.22 -4.27
N ASP D 88 -9.68 -11.45 -3.78
CA ASP D 88 -9.34 -12.63 -4.58
C ASP D 88 -10.59 -13.51 -4.58
N ASN D 89 -11.33 -13.51 -5.68
CA ASN D 89 -12.56 -14.26 -5.77
C ASN D 89 -12.34 -15.76 -5.96
N ALA D 90 -11.10 -16.17 -6.23
CA ALA D 90 -10.78 -17.60 -6.24
C ALA D 90 -10.51 -18.12 -4.83
N LYS D 91 -9.98 -17.27 -3.95
CA LYS D 91 -9.74 -17.62 -2.56
C LYS D 91 -10.82 -17.11 -1.62
N ASN D 92 -11.82 -16.40 -2.16
CA ASN D 92 -12.89 -15.80 -1.36
C ASN D 92 -12.31 -15.00 -0.19
N THR D 93 -11.35 -14.13 -0.49
CA THR D 93 -10.65 -13.35 0.52
C THR D 93 -10.65 -11.89 0.14
N LEU D 94 -10.89 -11.03 1.13
CA LEU D 94 -10.81 -9.59 0.98
C LEU D 94 -9.57 -9.08 1.68
N TYR D 95 -8.90 -8.10 1.07
CA TYR D 95 -7.66 -7.56 1.60
C TYR D 95 -7.76 -6.06 1.78
N LEU D 96 -7.00 -5.54 2.75
CA LEU D 96 -6.81 -4.11 2.93
C LEU D 96 -5.32 -3.86 3.17
N GLN D 97 -4.65 -3.29 2.18
CA GLN D 97 -3.25 -2.91 2.30
C GLN D 97 -3.17 -1.50 2.87
N MET D 98 -2.57 -1.38 4.05
CA MET D 98 -2.40 -0.10 4.71
C MET D 98 -0.95 0.37 4.59
N SER D 99 -0.76 1.67 4.41
CA SER D 99 0.56 2.25 4.30
C SER D 99 0.49 3.69 4.79
N SER D 100 1.68 4.26 5.06
CA SER D 100 1.79 5.60 5.63
C SER D 100 0.88 5.74 6.85
N LEU D 101 0.98 4.76 7.75
CA LEU D 101 0.05 4.67 8.86
C LEU D 101 0.26 5.81 9.85
N ARG D 102 -0.84 6.29 10.41
CA ARG D 102 -0.85 7.39 11.37
C ARG D 102 -1.60 6.95 12.62
N SER D 103 -1.40 7.72 13.70
CA SER D 103 -2.03 7.37 14.97
C SER D 103 -3.54 7.35 14.86
N GLU D 104 -4.12 8.16 13.97
CA GLU D 104 -5.56 8.18 13.76
C GLU D 104 -6.08 6.91 13.11
N ASP D 105 -5.19 6.04 12.62
CA ASP D 105 -5.60 4.78 12.01
C ASP D 105 -5.76 3.66 13.02
N THR D 106 -5.39 3.88 14.27
CA THR D 106 -5.58 2.87 15.31
C THR D 106 -7.07 2.63 15.52
N ALA D 107 -7.52 1.39 15.27
CA ALA D 107 -8.94 1.07 15.35
C ALA D 107 -9.11 -0.44 15.23
N MET D 108 -10.33 -0.88 15.54
CA MET D 108 -10.78 -2.23 15.24
C MET D 108 -11.35 -2.24 13.83
N TYR D 109 -10.76 -3.06 12.95
CA TYR D 109 -11.12 -3.07 11.54
C TYR D 109 -12.06 -4.24 11.25
N TYR D 110 -13.27 -3.92 10.76
CA TYR D 110 -14.27 -4.91 10.43
C TYR D 110 -14.36 -5.09 8.93
N CYS D 111 -14.57 -6.34 8.51
CA CYS D 111 -14.87 -6.68 7.13
C CYS D 111 -16.37 -6.95 7.02
N ALA D 112 -17.00 -6.41 5.99
CA ALA D 112 -18.46 -6.41 5.91
C ALA D 112 -18.93 -6.55 4.48
N SER D 113 -19.90 -7.43 4.26
CA SER D 113 -20.49 -7.65 2.94
C SER D 113 -21.65 -6.69 2.71
N ALA D 114 -21.96 -6.48 1.44
CA ALA D 114 -23.01 -5.57 1.02
C ALA D 114 -24.04 -6.32 0.17
N TYR D 115 -25.20 -5.68 0.02
CA TYR D 115 -26.19 -6.07 -0.99
C TYR D 115 -26.32 -4.89 -1.93
N ASP D 116 -25.60 -4.96 -3.05
CA ASP D 116 -25.45 -3.81 -3.94
C ASP D 116 -26.80 -3.23 -4.34
N GLY D 117 -26.95 -1.93 -4.10
CA GLY D 117 -28.17 -1.22 -4.44
C GLY D 117 -29.20 -1.13 -3.33
N SER D 118 -29.05 -1.92 -2.26
CA SER D 118 -30.03 -1.92 -1.18
C SER D 118 -29.42 -1.45 0.14
N TYR D 119 -28.42 -2.14 0.67
CA TYR D 119 -27.82 -1.75 1.93
C TYR D 119 -26.33 -2.05 1.90
N TYR D 120 -25.60 -1.42 2.82
CA TYR D 120 -24.15 -1.33 2.73
C TYR D 120 -23.42 -2.42 3.51
N PHE D 121 -23.83 -2.68 4.76
CA PHE D 121 -23.07 -3.58 5.64
C PHE D 121 -24.02 -4.68 6.15
N ASP D 122 -24.18 -5.71 5.33
CA ASP D 122 -25.05 -6.85 5.60
C ASP D 122 -24.57 -7.63 6.82
N TYR D 123 -23.40 -8.25 6.71
CA TYR D 123 -22.83 -9.06 7.78
CA TYR D 123 -22.83 -9.07 7.77
C TYR D 123 -21.43 -8.56 8.10
N TRP D 124 -21.13 -8.50 9.40
CA TRP D 124 -19.84 -8.04 9.88
C TRP D 124 -19.06 -9.18 10.52
N GLY D 125 -17.75 -9.19 10.30
CA GLY D 125 -16.88 -10.05 11.06
C GLY D 125 -16.65 -9.49 12.45
N GLN D 126 -15.92 -10.26 13.27
CA GLN D 126 -15.64 -9.82 14.63
C GLN D 126 -14.50 -8.83 14.71
N GLY D 127 -13.74 -8.64 13.63
CA GLY D 127 -12.78 -7.57 13.56
C GLY D 127 -11.37 -8.00 13.94
N THR D 128 -10.40 -7.24 13.45
CA THR D 128 -9.00 -7.36 13.86
C THR D 128 -8.50 -5.96 14.19
N THR D 129 -7.61 -5.89 15.18
CA THR D 129 -7.18 -4.62 15.75
C THR D 129 -5.84 -4.19 15.19
N VAL D 130 -5.76 -2.95 14.72
CA VAL D 130 -4.52 -2.34 14.26
C VAL D 130 -4.15 -1.25 15.28
N THR D 131 -2.98 -1.42 15.91
CA THR D 131 -2.51 -0.48 16.92
C THR D 131 -1.25 0.20 16.41
N VAL D 132 -1.33 1.50 16.16
CA VAL D 132 -0.17 2.28 15.75
C VAL D 132 0.63 2.63 16.99
N CYS D 133 1.92 2.31 16.98
CA CYS D 133 2.80 2.47 18.13
C CYS D 133 4.02 3.30 17.71
N SER D 134 4.05 4.56 18.11
CA SER D 134 5.25 5.37 17.90
C SER D 134 6.39 4.92 18.78
N GLY D 135 6.10 4.19 19.87
CA GLY D 135 7.11 3.86 20.84
C GLY D 135 7.37 5.03 21.77
N SER D 136 7.86 6.14 21.21
CA SER D 136 8.12 7.38 21.95
C SER D 136 9.17 7.16 23.04
N ASP D 137 9.09 6.02 23.73
CA ASP D 137 10.05 5.70 24.79
C ASP D 137 11.47 5.58 24.27
N TYR D 138 11.64 5.31 22.98
CA TYR D 138 12.99 5.04 22.45
C TYR D 138 13.93 6.23 22.63
N GLU D 139 13.40 7.45 22.68
CA GLU D 139 14.26 8.62 22.73
C GLU D 139 15.09 8.64 24.00
N PHE D 140 14.50 8.24 25.13
CA PHE D 140 15.27 8.14 26.37
C PHE D 140 15.83 6.74 26.60
N LEU D 141 15.29 5.74 25.93
CA LEU D 141 15.59 4.34 26.22
C LEU D 141 16.76 3.80 25.42
N LYS D 142 17.17 4.51 24.36
CA LYS D 142 18.31 4.08 23.57
C LYS D 142 19.62 4.14 24.35
N SER D 143 19.68 4.95 25.41
CA SER D 143 20.91 5.15 26.17
C SER D 143 21.02 4.24 27.39
N TRP D 144 19.96 3.52 27.75
CA TRP D 144 20.01 2.66 28.92
C TRP D 144 20.92 1.46 28.68
N THR D 145 21.41 0.90 29.78
CA THR D 145 22.19 -0.32 29.70
C THR D 145 21.29 -1.51 29.34
N VAL D 146 21.92 -2.56 28.80
CA VAL D 146 21.17 -3.73 28.34
C VAL D 146 20.45 -4.39 29.50
N GLU D 147 21.08 -4.40 30.69
CA GLU D 147 20.46 -5.04 31.85
C GLU D 147 19.23 -4.24 32.31
N ASP D 148 19.32 -2.90 32.28
CA ASP D 148 18.15 -2.09 32.59
C ASP D 148 17.04 -2.32 31.59
N LEU D 149 17.38 -2.63 30.34
CA LEU D 149 16.36 -2.95 29.35
C LEU D 149 15.69 -4.28 29.66
N GLN D 150 16.50 -5.31 29.94
CA GLN D 150 15.94 -6.62 30.27
C GLN D 150 15.12 -6.56 31.56
N LYS D 151 15.56 -5.76 32.53
CA LYS D 151 14.78 -5.57 33.75
C LYS D 151 13.44 -4.92 33.42
N ARG D 152 13.45 -3.90 32.57
CA ARG D 152 12.20 -3.25 32.17
C ARG D 152 11.29 -4.22 31.44
N LEU D 153 11.86 -5.03 30.53
CA LEU D 153 11.06 -5.99 29.78
C LEU D 153 10.41 -7.02 30.70
N LEU D 154 11.20 -7.57 31.63
CA LEU D 154 10.67 -8.60 32.53
C LEU D 154 9.65 -8.02 33.49
N ALA D 155 9.87 -6.79 33.97
CA ALA D 155 8.95 -6.18 34.92
C ALA D 155 7.61 -5.83 34.29
N LEU D 156 7.54 -5.79 32.96
CA LEU D 156 6.28 -5.41 32.32
C LEU D 156 5.22 -6.50 32.47
N ASP D 157 5.63 -7.76 32.43
CA ASP D 157 4.64 -8.84 32.49
C ASP D 157 3.85 -8.89 33.78
N PRO D 158 4.44 -8.73 34.98
CA PRO D 158 3.60 -8.74 36.20
C PRO D 158 2.58 -7.62 36.24
N MET D 159 2.92 -6.42 35.75
CA MET D 159 1.96 -5.33 35.75
C MET D 159 0.80 -5.60 34.81
N MET D 160 1.08 -6.20 33.64
CA MET D 160 0.01 -6.55 32.72
C MET D 160 -0.93 -7.57 33.34
N GLU D 161 -0.39 -8.62 33.96
CA GLU D 161 -1.23 -9.61 34.62
C GLU D 161 -2.00 -9.00 35.78
N GLN D 162 -1.40 -8.03 36.47
CA GLN D 162 -2.12 -7.35 37.53
C GLN D 162 -3.31 -6.56 36.98
N GLU D 163 -3.10 -5.85 35.87
CA GLU D 163 -4.20 -5.10 35.26
C GLU D 163 -5.29 -6.04 34.76
N ILE D 164 -4.90 -7.20 34.22
CA ILE D 164 -5.89 -8.15 33.70
C ILE D 164 -6.72 -8.73 34.84
N GLU D 165 -6.08 -9.12 35.95
CA GLU D 165 -6.83 -9.65 37.08
C GLU D 165 -7.74 -8.60 37.69
N GLU D 166 -7.33 -7.34 37.66
CA GLU D 166 -8.15 -6.27 38.22
C GLU D 166 -9.36 -6.01 37.34
N ILE D 167 -9.24 -6.24 36.03
CA ILE D 167 -10.42 -6.23 35.15
C ILE D 167 -11.37 -7.35 35.53
N ARG D 168 -10.82 -8.53 35.84
CA ARG D 168 -11.66 -9.67 36.21
C ARG D 168 -12.42 -9.39 37.51
N GLN D 169 -11.74 -8.77 38.49
CA GLN D 169 -12.42 -8.40 39.72
C GLN D 169 -13.52 -7.39 39.47
N LYS D 170 -13.28 -6.45 38.54
CA LYS D 170 -14.29 -5.46 38.19
C LYS D 170 -15.56 -6.13 37.66
N TYR D 171 -15.41 -7.17 36.84
CA TYR D 171 -16.57 -7.83 36.28
C TYR D 171 -17.21 -8.80 37.25
N GLN D 172 -16.48 -9.30 38.24
CA GLN D 172 -17.12 -9.99 39.35
C GLN D 172 -18.08 -9.07 40.08
N SER D 173 -17.67 -7.80 40.27
CA SER D 173 -18.56 -6.82 40.88
CA SER D 173 -18.56 -6.82 40.88
C SER D 173 -19.77 -6.54 39.99
N LYS D 174 -19.56 -6.52 38.67
CA LYS D 174 -20.66 -6.27 37.75
C LYS D 174 -21.64 -7.43 37.73
N ARG D 175 -21.14 -8.66 37.87
CA ARG D 175 -21.99 -9.84 37.73
C ARG D 175 -22.84 -10.10 38.97
N GLN D 176 -22.34 -9.73 40.16
CA GLN D 176 -23.00 -10.13 41.40
C GLN D 176 -24.44 -9.65 41.52
N PRO D 177 -24.78 -8.38 41.24
CA PRO D 177 -26.19 -7.98 41.34
C PRO D 177 -27.10 -8.75 40.40
N ILE D 178 -26.61 -9.12 39.21
CA ILE D 178 -27.41 -9.93 38.30
C ILE D 178 -27.58 -11.34 38.86
N LEU D 179 -26.50 -11.90 39.41
CA LEU D 179 -26.59 -13.21 40.06
C LEU D 179 -27.55 -13.17 41.23
N ASP D 180 -27.50 -12.10 42.03
CA ASP D 180 -28.40 -11.97 43.17
C ASP D 180 -29.86 -11.93 42.74
N ALA D 181 -30.16 -11.21 41.66
CA ALA D 181 -31.54 -11.09 41.19
C ALA D 181 -32.07 -12.43 40.71
N ILE D 182 -31.23 -13.22 40.04
CA ILE D 182 -31.64 -14.56 39.62
C ILE D 182 -31.91 -15.43 40.83
N GLU D 183 -31.07 -15.33 41.87
CA GLU D 183 -31.24 -16.14 43.07
C GLU D 183 -32.50 -15.77 43.83
N ALA D 184 -32.92 -14.50 43.76
CA ALA D 184 -34.01 -14.00 44.59
C ALA D 184 -35.39 -14.30 44.01
N LYS D 185 -35.48 -15.02 42.90
CA LYS D 185 -36.78 -15.33 42.31
C LYS D 185 -37.53 -16.35 43.15
#